data_6RXB
#
_entry.id   6RXB
#
_cell.length_a   62.543
_cell.length_b   64.227
_cell.length_c   220.954
_cell.angle_alpha   90.00
_cell.angle_beta   90.00
_cell.angle_gamma   90.00
#
_symmetry.space_group_name_H-M   'P 21 21 21'
#
loop_
_entity.id
_entity.type
_entity.pdbx_description
1 polymer 'Tetracycline repressor protein class G'
2 polymer 'Tetracycline repressor protein class G'
3 non-polymer '(4S,4AS,5AR,12AS)-4,7-BIS(DIMETHYLAMINO)-3,10,12,12A-TETRAHYDROXY-1,11-DIOXO-1,4,4A,5,5A,6,11,12A-OCTAHYDROTETRACENE-2- CARBOXAMIDE'
4 non-polymer 'MAGNESIUM ION'
5 non-polymer 'CHLORIDE ION'
6 non-polymer 'SUCCINIC ACID'
7 non-polymer 1,2-ETHANEDIOL
8 water water
#
loop_
_entity_poly.entity_id
_entity_poly.type
_entity_poly.pdbx_seq_one_letter_code
_entity_poly.pdbx_strand_id
1 'polypeptide(L)'
;MTKLDKGTVIAAALELLNEVGMDSLTTRKLAERLKVQQPALYWHFQNKRALLDALAEAMLAERHTRSLPEENEDWRVFLK
ENALSFRTALLSYRDGARIHAGTRPTEPNFGTAETAIRFLCAEGF(CSU)PKRAVWALRAVSHYVVGSVLEQQASDADER
VPDRPDVSEQAPSSFLHDLFHELETDGMDAAFNFGLDSLIAGFERLRSSTTDHHHHHH
;
B,D
2 'polypeptide(L)'
;MTKLDKGTVIAAALELLNEVGMDSLTTRKLAERLKVQQPALYWHFQNKRALLDALAEAMLAERHTRSLPEENEDWRVFLK
ENALSFRTALLSYRDGARIHAGTRPTEPNFGTAETAIRFLCAEGFCPKRAVWALRAVSHYVVGSVLEQQASDADERVPDR
PDVSEQAPSSFLHDLFHELETDGMDAAFNFGLDSLIAGFERLRSSTTDHHHHHH
;
A,C
#
# COMPACT_ATOMS: atom_id res chain seq x y z
N LYS A 3 -36.63 3.95 45.56
CA LYS A 3 -36.11 3.71 44.18
C LYS A 3 -34.61 3.98 44.15
N LEU A 4 -33.90 3.45 43.15
CA LEU A 4 -32.43 3.57 43.00
C LEU A 4 -32.06 5.04 42.77
N ASP A 5 -30.89 5.47 43.26
CA ASP A 5 -30.37 6.85 43.14
C ASP A 5 -29.63 7.00 41.79
N LYS A 6 -29.37 8.23 41.38
CA LYS A 6 -28.79 8.60 40.05
C LYS A 6 -27.37 8.03 39.93
N GLY A 7 -26.60 8.05 41.02
CA GLY A 7 -25.21 7.54 41.07
C GLY A 7 -25.13 6.06 40.78
N THR A 8 -26.10 5.27 41.23
CA THR A 8 -26.17 3.80 41.07
C THR A 8 -26.42 3.43 39.61
N VAL A 9 -27.31 4.17 38.93
CA VAL A 9 -27.67 3.96 37.50
C VAL A 9 -26.44 4.29 36.64
N ILE A 10 -25.77 5.41 36.93
CA ILE A 10 -24.55 5.89 36.21
C ILE A 10 -23.44 4.84 36.33
N ALA A 11 -23.21 4.33 37.54
CA ALA A 11 -22.19 3.31 37.85
C ALA A 11 -22.45 2.04 37.04
N ALA A 12 -23.69 1.57 37.02
CA ALA A 12 -24.16 0.37 36.28
C ALA A 12 -24.02 0.60 34.77
N ALA A 13 -24.33 1.80 34.30
CA ALA A 13 -24.27 2.21 32.87
C ALA A 13 -22.82 2.21 32.38
N LEU A 14 -21.89 2.77 33.18
CA LEU A 14 -20.43 2.76 32.90
C LEU A 14 -19.92 1.32 32.81
N GLU A 15 -20.46 0.43 33.65
CA GLU A 15 -20.09 -1.01 33.73
C GLU A 15 -20.50 -1.70 32.42
N LEU A 16 -21.74 -1.49 31.98
CA LEU A 16 -22.31 -2.06 30.72
C LEU A 16 -21.56 -1.49 29.51
N LEU A 17 -21.24 -0.19 29.52
CA LEU A 17 -20.55 0.53 28.40
C LEU A 17 -19.29 -0.23 28.00
N ASN A 18 -18.50 -0.69 28.98
CA ASN A 18 -17.20 -1.39 28.75
C ASN A 18 -17.43 -2.82 28.27
N GLU A 19 -18.63 -3.37 28.47
CA GLU A 19 -19.01 -4.76 28.06
C GLU A 19 -19.51 -4.76 26.61
N VAL A 20 -20.50 -3.90 26.29
CA VAL A 20 -21.29 -3.96 25.03
C VAL A 20 -20.94 -2.76 24.12
N GLY A 21 -20.65 -1.59 24.69
CA GLY A 21 -20.34 -0.35 23.93
C GLY A 21 -21.51 0.61 23.91
N MET A 22 -21.31 1.80 23.32
CA MET A 22 -22.31 2.91 23.27
C MET A 22 -23.55 2.46 22.49
N ASP A 23 -23.36 1.89 21.29
CA ASP A 23 -24.44 1.53 20.34
C ASP A 23 -25.36 0.47 20.95
N SER A 24 -24.80 -0.47 21.73
CA SER A 24 -25.53 -1.61 22.34
C SER A 24 -26.05 -1.27 23.74
N LEU A 25 -25.68 -0.11 24.29
CA LEU A 25 -26.12 0.36 25.63
C LEU A 25 -27.60 0.79 25.55
N THR A 26 -28.52 -0.19 25.67
CA THR A 26 -30.00 -0.01 25.58
C THR A 26 -30.59 0.14 26.99
N THR A 27 -31.82 0.66 27.08
CA THR A 27 -32.59 0.85 28.34
C THR A 27 -32.92 -0.52 28.94
N ARG A 28 -33.21 -1.51 28.11
CA ARG A 28 -33.53 -2.91 28.53
C ARG A 28 -32.32 -3.53 29.23
N LYS A 29 -31.14 -3.47 28.60
CA LYS A 29 -29.87 -4.01 29.14
C LYS A 29 -29.58 -3.40 30.52
N LEU A 30 -29.75 -2.08 30.66
CA LEU A 30 -29.44 -1.30 31.89
C LEU A 30 -30.44 -1.65 33.00
N ALA A 31 -31.72 -1.77 32.66
CA ALA A 31 -32.82 -2.12 33.59
C ALA A 31 -32.65 -3.57 34.08
N GLU A 32 -32.27 -4.47 33.16
CA GLU A 32 -32.02 -5.92 33.44
C GLU A 32 -30.80 -6.06 34.35
N ARG A 33 -29.77 -5.22 34.15
CA ARG A 33 -28.52 -5.22 34.96
C ARG A 33 -28.84 -4.78 36.40
N LEU A 34 -29.55 -3.65 36.55
CA LEU A 34 -29.94 -3.08 37.86
C LEU A 34 -31.08 -3.88 38.49
N LYS A 35 -31.71 -4.78 37.72
CA LYS A 35 -32.85 -5.63 38.15
C LYS A 35 -34.01 -4.74 38.62
N VAL A 36 -34.45 -3.84 37.73
CA VAL A 36 -35.58 -2.88 37.96
C VAL A 36 -36.41 -2.81 36.67
N GLN A 37 -37.54 -2.10 36.73
CA GLN A 37 -38.40 -1.79 35.55
C GLN A 37 -37.80 -0.57 34.83
N GLN A 38 -38.12 -0.39 33.55
CA GLN A 38 -37.55 0.67 32.68
C GLN A 38 -37.96 2.07 33.16
N PRO A 39 -39.22 2.28 33.65
CA PRO A 39 -39.59 3.56 34.24
C PRO A 39 -38.64 4.11 35.31
N ALA A 40 -37.99 3.22 36.08
CA ALA A 40 -36.99 3.55 37.13
C ALA A 40 -35.81 4.31 36.51
N LEU A 41 -35.42 3.96 35.29
CA LEU A 41 -34.32 4.61 34.53
C LEU A 41 -34.80 5.96 33.97
N TYR A 42 -36.02 6.00 33.43
CA TYR A 42 -36.63 7.20 32.77
C TYR A 42 -36.88 8.30 33.81
N TRP A 43 -36.94 7.95 35.10
CA TRP A 43 -37.05 8.91 36.23
C TRP A 43 -35.84 9.85 36.24
N HIS A 44 -34.64 9.30 35.99
CA HIS A 44 -33.34 10.02 36.04
C HIS A 44 -32.99 10.60 34.66
N PHE A 45 -33.12 9.79 33.61
CA PHE A 45 -32.71 10.13 32.21
C PHE A 45 -33.88 9.90 31.26
N GLN A 46 -34.47 11.00 30.76
CA GLN A 46 -35.65 10.98 29.85
C GLN A 46 -35.25 10.44 28.47
N ASN A 47 -33.98 10.62 28.07
CA ASN A 47 -33.44 10.15 26.77
C ASN A 47 -32.01 9.62 26.97
N LYS A 48 -31.42 9.02 25.94
CA LYS A 48 -30.08 8.38 25.96
C LYS A 48 -28.98 9.45 26.06
N ARG A 49 -29.13 10.55 25.32
CA ARG A 49 -28.13 11.66 25.27
C ARG A 49 -27.92 12.22 26.67
N ALA A 50 -28.98 12.31 27.48
CA ALA A 50 -28.95 12.76 28.89
C ALA A 50 -28.10 11.80 29.73
N LEU A 51 -28.25 10.49 29.50
CA LEU A 51 -27.44 9.42 30.17
C LEU A 51 -25.98 9.56 29.75
N LEU A 52 -25.72 9.65 28.43
CA LEU A 52 -24.36 9.75 27.85
C LEU A 52 -23.66 11.03 28.36
N ASP A 53 -24.42 12.12 28.55
CA ASP A 53 -23.93 13.39 29.14
C ASP A 53 -23.47 13.13 30.58
N ALA A 54 -24.22 12.33 31.34
CA ALA A 54 -23.91 11.94 32.74
C ALA A 54 -22.69 11.00 32.76
N LEU A 55 -22.62 10.05 31.82
CA LEU A 55 -21.47 9.13 31.66
C LEU A 55 -20.20 9.95 31.37
N ALA A 56 -20.29 10.91 30.44
CA ALA A 56 -19.18 11.80 30.03
C ALA A 56 -18.57 12.49 31.25
N GLU A 57 -19.41 13.01 32.15
CA GLU A 57 -18.99 13.72 33.39
C GLU A 57 -18.45 12.69 34.39
N ALA A 58 -19.11 11.54 34.52
CA ALA A 58 -18.78 10.46 35.47
C ALA A 58 -17.37 9.89 35.18
N MET A 59 -17.02 9.75 33.90
CA MET A 59 -15.69 9.27 33.44
C MET A 59 -14.58 10.17 34.01
N LEU A 60 -14.79 11.49 33.97
CA LEU A 60 -13.81 12.51 34.43
C LEU A 60 -13.74 12.49 35.96
N ALA A 61 -14.90 12.48 36.63
CA ALA A 61 -15.03 12.40 38.10
C ALA A 61 -14.29 11.16 38.63
N GLU A 62 -14.23 10.09 37.83
CA GLU A 62 -13.64 8.78 38.22
C GLU A 62 -12.14 8.75 37.93
N ARG A 63 -11.73 9.10 36.69
CA ARG A 63 -10.37 8.83 36.15
C ARG A 63 -9.56 10.11 35.93
N HIS A 64 -10.21 11.25 35.65
CA HIS A 64 -9.54 12.55 35.39
C HIS A 64 -9.13 13.21 36.71
N THR A 65 -7.88 12.99 37.13
CA THR A 65 -7.32 13.39 38.46
C THR A 65 -6.76 14.81 38.40
N ARG A 66 -6.12 15.18 37.28
CA ARG A 66 -5.40 16.48 37.11
C ARG A 66 -6.31 17.48 36.36
N SER A 67 -7.40 17.91 36.99
CA SER A 67 -8.36 18.90 36.45
C SER A 67 -7.87 20.32 36.72
N LEU A 68 -7.26 20.56 37.89
CA LEU A 68 -6.72 21.86 38.33
C LEU A 68 -5.20 21.77 38.49
N PRO A 69 -4.46 22.89 38.30
CA PRO A 69 -3.01 22.90 38.52
C PRO A 69 -2.66 22.81 40.02
N GLU A 70 -1.53 22.17 40.33
CA GLU A 70 -0.98 22.05 41.70
C GLU A 70 -0.23 23.34 42.05
N GLU A 71 0.03 23.57 43.34
CA GLU A 71 0.75 24.77 43.87
C GLU A 71 2.17 24.78 43.29
N ASN A 72 2.57 25.92 42.71
CA ASN A 72 3.93 26.18 42.15
C ASN A 72 4.19 25.23 40.97
N GLU A 73 3.14 24.85 40.23
CA GLU A 73 3.23 24.02 38.99
C GLU A 73 3.28 24.95 37.78
N ASP A 74 4.32 24.80 36.94
CA ASP A 74 4.48 25.55 35.66
C ASP A 74 3.26 25.27 34.79
N TRP A 75 2.69 26.31 34.16
CA TRP A 75 1.44 26.24 33.36
C TRP A 75 1.60 25.26 32.21
N ARG A 76 2.80 25.15 31.64
CA ARG A 76 3.14 24.18 30.54
C ARG A 76 3.05 22.75 31.09
N VAL A 77 3.60 22.52 32.28
CA VAL A 77 3.58 21.19 32.97
C VAL A 77 2.13 20.81 33.28
N PHE A 78 1.32 21.75 33.76
CA PHE A 78 -0.12 21.56 34.06
C PHE A 78 -0.87 21.08 32.82
N LEU A 79 -0.74 21.81 31.70
CA LEU A 79 -1.46 21.55 30.42
C LEU A 79 -1.10 20.15 29.90
N LYS A 80 0.15 19.71 30.06
CA LYS A 80 0.61 18.37 29.63
C LYS A 80 -0.01 17.29 30.54
N GLU A 81 0.12 17.45 31.86
CA GLU A 81 -0.43 16.50 32.88
C GLU A 81 -1.96 16.48 32.80
N ASN A 82 -2.58 17.63 32.56
CA ASN A 82 -4.05 17.80 32.41
C ASN A 82 -4.52 17.05 31.16
N ALA A 83 -3.81 17.19 30.04
CA ALA A 83 -4.11 16.55 28.74
C ALA A 83 -3.97 15.03 28.87
N LEU A 84 -2.88 14.57 29.51
CA LEU A 84 -2.57 13.13 29.72
C LEU A 84 -3.62 12.50 30.65
N SER A 85 -4.04 13.22 31.70
CA SER A 85 -5.08 12.80 32.67
C SER A 85 -6.44 12.66 31.95
N PHE A 86 -6.78 13.63 31.10
CA PHE A 86 -8.03 13.67 30.29
C PHE A 86 -8.02 12.50 29.30
N ARG A 87 -6.88 12.28 28.62
CA ARG A 87 -6.66 11.16 27.66
C ARG A 87 -6.90 9.82 28.36
N THR A 88 -6.33 9.65 29.55
CA THR A 88 -6.43 8.41 30.39
C THR A 88 -7.91 8.12 30.69
N ALA A 89 -8.69 9.15 31.02
CA ALA A 89 -10.13 9.05 31.36
C ALA A 89 -10.92 8.52 30.18
N LEU A 90 -10.71 9.09 28.99
CA LEU A 90 -11.44 8.72 27.74
C LEU A 90 -11.04 7.31 27.28
N LEU A 91 -9.77 6.93 27.48
CA LEU A 91 -9.22 5.62 27.06
C LEU A 91 -9.77 4.50 27.95
N SER A 92 -10.25 4.82 29.16
CA SER A 92 -10.70 3.86 30.20
C SER A 92 -12.11 3.32 29.89
N TYR A 93 -12.81 3.90 28.91
CA TYR A 93 -14.22 3.54 28.56
C TYR A 93 -14.38 3.43 27.04
N ARG A 94 -15.15 2.42 26.61
CA ARG A 94 -15.53 2.21 25.18
C ARG A 94 -16.32 3.43 24.69
N ASP A 95 -15.99 3.93 23.50
CA ASP A 95 -16.63 5.12 22.87
C ASP A 95 -16.47 6.34 23.77
N GLY A 96 -15.38 6.41 24.54
CA GLY A 96 -15.12 7.48 25.53
C GLY A 96 -15.04 8.85 24.87
N ALA A 97 -14.19 8.99 23.84
CA ALA A 97 -14.00 10.22 23.06
C ALA A 97 -15.29 10.57 22.30
N ARG A 98 -15.97 9.56 21.77
CA ARG A 98 -17.23 9.69 20.99
C ARG A 98 -18.35 10.22 21.90
N ILE A 99 -18.45 9.71 23.12
CA ILE A 99 -19.49 10.10 24.13
C ILE A 99 -19.20 11.54 24.60
N HIS A 100 -17.93 11.88 24.82
CA HIS A 100 -17.48 13.22 25.29
C HIS A 100 -17.82 14.28 24.23
N ALA A 101 -17.61 13.96 22.95
CA ALA A 101 -17.78 14.87 21.79
C ALA A 101 -19.14 15.57 21.87
N GLY A 102 -19.15 16.90 21.81
CA GLY A 102 -20.38 17.73 21.74
C GLY A 102 -20.77 18.30 23.11
N THR A 103 -20.29 17.70 24.20
CA THR A 103 -20.57 18.15 25.60
C THR A 103 -19.90 19.50 25.83
N ARG A 104 -20.62 20.43 26.47
CA ARG A 104 -20.14 21.80 26.80
C ARG A 104 -20.18 21.98 28.32
N PRO A 105 -19.38 22.91 28.90
CA PRO A 105 -19.42 23.18 30.34
C PRO A 105 -20.82 23.58 30.83
N PHE A 110 -18.59 23.51 35.12
CA PHE A 110 -18.27 24.85 34.57
C PHE A 110 -17.23 25.55 35.46
N GLY A 111 -17.33 25.37 36.79
CA GLY A 111 -16.43 25.98 37.79
C GLY A 111 -14.96 25.70 37.50
N THR A 112 -14.63 24.45 37.16
CA THR A 112 -13.24 23.97 36.89
C THR A 112 -12.72 24.58 35.59
N ALA A 113 -13.58 24.70 34.57
CA ALA A 113 -13.26 25.29 33.25
C ALA A 113 -12.90 26.77 33.41
N GLU A 114 -13.73 27.52 34.16
CA GLU A 114 -13.55 28.98 34.43
C GLU A 114 -12.28 29.19 35.26
N THR A 115 -11.98 28.26 36.18
CA THR A 115 -10.79 28.29 37.08
C THR A 115 -9.51 28.12 36.25
N ALA A 116 -9.54 27.23 35.25
CA ALA A 116 -8.42 26.94 34.32
C ALA A 116 -8.13 28.15 33.43
N ILE A 117 -9.19 28.85 33.00
CA ILE A 117 -9.10 30.10 32.16
C ILE A 117 -8.36 31.18 32.96
N ARG A 118 -8.75 31.39 34.22
CA ARG A 118 -8.18 32.44 35.12
C ARG A 118 -6.73 32.11 35.45
N PHE A 119 -6.37 30.82 35.52
CA PHE A 119 -4.99 30.32 35.77
C PHE A 119 -4.08 30.75 34.61
N LEU A 120 -4.44 30.37 33.39
CA LEU A 120 -3.69 30.71 32.14
C LEU A 120 -3.65 32.22 31.96
N CYS A 121 -4.77 32.90 32.26
CA CYS A 121 -4.92 34.38 32.21
C CYS A 121 -3.87 35.08 33.10
N ALA A 122 -3.43 34.42 34.17
CA ALA A 122 -2.37 34.90 35.10
C ALA A 122 -0.98 34.42 34.65
N GLU A 123 -0.88 33.86 33.43
CA GLU A 123 0.38 33.32 32.86
C GLU A 123 0.56 33.84 31.43
N GLY A 124 0.26 35.12 31.20
CA GLY A 124 0.57 35.85 29.95
C GLY A 124 -0.33 35.45 28.78
N PHE A 125 -1.49 34.85 29.06
CA PHE A 125 -2.55 34.57 28.04
C PHE A 125 -3.57 35.71 28.05
N PRO A 127 -7.80 36.37 27.68
CA PRO A 127 -8.99 35.55 27.95
C PRO A 127 -9.48 34.65 26.79
N LYS A 128 -9.55 35.20 25.57
CA LYS A 128 -9.96 34.46 24.34
C LYS A 128 -8.98 33.32 24.07
N ARG A 129 -7.67 33.61 24.13
CA ARG A 129 -6.58 32.65 23.80
C ARG A 129 -6.51 31.54 24.87
N ALA A 130 -6.82 31.87 26.13
CA ALA A 130 -6.92 30.91 27.26
C ALA A 130 -8.03 29.90 26.96
N VAL A 131 -9.18 30.38 26.50
CA VAL A 131 -10.35 29.55 26.08
C VAL A 131 -9.93 28.67 24.89
N TRP A 132 -9.39 29.30 23.83
CA TRP A 132 -8.98 28.62 22.58
C TRP A 132 -7.95 27.52 22.88
N ALA A 133 -6.94 27.83 23.71
CA ALA A 133 -5.86 26.90 24.12
C ALA A 133 -6.47 25.66 24.78
N LEU A 134 -7.28 25.86 25.83
CA LEU A 134 -7.93 24.76 26.61
C LEU A 134 -8.81 23.91 25.68
N ARG A 135 -9.61 24.55 24.83
CA ARG A 135 -10.51 23.87 23.85
C ARG A 135 -9.68 23.10 22.82
N ALA A 136 -8.59 23.70 22.33
CA ALA A 136 -7.67 23.11 21.31
C ALA A 136 -7.06 21.81 21.85
N VAL A 137 -6.58 21.84 23.11
CA VAL A 137 -5.96 20.66 23.79
C VAL A 137 -6.98 19.52 23.85
N SER A 138 -8.21 19.81 24.30
CA SER A 138 -9.31 18.83 24.47
C SER A 138 -9.66 18.20 23.10
N HIS A 139 -9.65 19.00 22.02
CA HIS A 139 -9.95 18.54 20.64
C HIS A 139 -8.85 17.61 20.14
N TYR A 140 -7.58 17.90 20.46
CA TYR A 140 -6.42 17.05 20.09
C TYR A 140 -6.53 15.68 20.78
N VAL A 141 -6.85 15.69 22.09
CA VAL A 141 -6.99 14.45 22.92
C VAL A 141 -8.19 13.65 22.41
N VAL A 142 -9.35 14.28 22.25
CA VAL A 142 -10.61 13.66 21.74
C VAL A 142 -10.32 13.02 20.38
N GLY A 143 -9.62 13.73 19.50
CA GLY A 143 -9.24 13.25 18.15
C GLY A 143 -8.33 12.03 18.22
N SER A 144 -7.28 12.10 19.03
CA SER A 144 -6.26 11.02 19.23
C SER A 144 -6.94 9.75 19.76
N VAL A 145 -7.76 9.88 20.81
CA VAL A 145 -8.43 8.76 21.52
C VAL A 145 -9.47 8.12 20.57
N LEU A 146 -10.28 8.93 19.89
CA LEU A 146 -11.33 8.48 18.94
C LEU A 146 -10.72 7.54 17.90
N GLU A 147 -9.62 7.96 17.25
CA GLU A 147 -8.97 7.23 16.14
C GLU A 147 -8.35 5.92 16.66
N GLN A 148 -7.75 5.94 17.85
CA GLN A 148 -7.14 4.75 18.50
C GLN A 148 -8.25 3.75 18.88
N GLN A 149 -9.32 4.24 19.50
CA GLN A 149 -10.50 3.42 19.94
C GLN A 149 -11.22 2.85 18.72
N ALA A 150 -11.37 3.64 17.65
CA ALA A 150 -11.99 3.25 16.36
C ALA A 150 -11.14 2.16 15.70
N SER A 151 -9.81 2.32 15.71
CA SER A 151 -8.81 1.38 15.13
C SER A 151 -8.84 0.05 15.89
N ASP A 152 -8.92 0.09 17.22
CA ASP A 152 -8.93 -1.10 18.12
C ASP A 152 -10.26 -1.86 17.97
N ALA A 153 -11.36 -1.14 17.74
CA ALA A 153 -12.72 -1.70 17.57
C ALA A 153 -12.86 -2.33 16.18
N ASP A 154 -12.33 -1.65 15.15
CA ASP A 154 -12.32 -2.12 13.74
C ASP A 154 -11.00 -2.85 13.47
N GLU A 155 -10.86 -4.06 14.03
CA GLU A 155 -9.63 -4.90 13.98
C GLU A 155 -8.46 -4.13 14.60
N ASP A 162 1.06 -3.03 11.72
CA ASP A 162 0.44 -3.45 10.42
C ASP A 162 0.64 -2.36 9.36
N VAL A 163 0.75 -1.09 9.78
CA VAL A 163 0.96 0.09 8.88
C VAL A 163 2.27 -0.10 8.11
N SER A 164 3.29 -0.66 8.76
CA SER A 164 4.63 -0.97 8.19
C SER A 164 4.53 -2.00 7.06
N GLU A 165 3.57 -2.92 7.16
CA GLU A 165 3.38 -4.07 6.22
C GLU A 165 2.62 -3.59 4.98
N GLN A 166 1.73 -2.61 5.13
CA GLN A 166 0.87 -2.04 4.05
C GLN A 166 1.70 -1.09 3.17
N ALA A 167 2.66 -0.38 3.76
CA ALA A 167 3.52 0.62 3.09
C ALA A 167 4.14 0.04 1.82
N PRO A 168 3.86 0.61 0.62
CA PRO A 168 4.38 0.07 -0.63
C PRO A 168 5.86 0.41 -0.88
N SER A 169 6.36 1.49 -0.29
CA SER A 169 7.76 1.99 -0.44
C SER A 169 8.64 1.42 0.68
N SER A 170 9.95 1.30 0.41
CA SER A 170 10.98 0.84 1.37
C SER A 170 11.16 1.87 2.49
N PHE A 171 11.16 3.15 2.13
CA PHE A 171 11.34 4.30 3.06
C PHE A 171 10.31 4.22 4.20
N LEU A 172 9.03 4.09 3.86
CA LEU A 172 7.91 4.05 4.86
C LEU A 172 7.96 2.73 5.63
N HIS A 173 8.18 1.59 4.95
CA HIS A 173 8.31 0.25 5.56
C HIS A 173 9.34 0.28 6.68
N ASP A 174 10.55 0.77 6.37
CA ASP A 174 11.70 0.86 7.32
C ASP A 174 11.36 1.85 8.45
N LEU A 175 10.74 2.99 8.10
CA LEU A 175 10.41 4.09 9.06
C LEU A 175 9.37 3.61 10.07
N PHE A 176 8.30 2.97 9.60
CA PHE A 176 7.18 2.47 10.44
C PHE A 176 7.65 1.31 11.31
N HIS A 177 8.63 0.53 10.85
CA HIS A 177 9.26 -0.59 11.60
C HIS A 177 10.01 -0.03 12.82
N GLU A 178 10.61 1.16 12.69
CA GLU A 178 11.33 1.87 13.78
C GLU A 178 10.31 2.52 14.74
N LEU A 179 9.23 3.10 14.20
CA LEU A 179 8.17 3.79 14.99
C LEU A 179 7.35 2.78 15.80
N GLU A 180 7.43 1.48 15.44
CA GLU A 180 6.75 0.37 16.15
C GLU A 180 7.63 -0.12 17.32
N THR A 181 8.76 0.54 17.59
CA THR A 181 9.62 0.34 18.78
C THR A 181 9.53 1.56 19.71
N ASP A 182 8.81 2.60 19.31
CA ASP A 182 8.61 3.85 20.09
C ASP A 182 7.29 3.76 20.88
N GLY A 183 6.21 3.34 20.21
CA GLY A 183 4.86 3.19 20.80
C GLY A 183 3.94 4.34 20.41
N MET A 184 2.65 4.21 20.70
CA MET A 184 1.60 5.21 20.36
C MET A 184 1.74 6.44 21.26
N ASP A 185 2.28 6.27 22.47
CA ASP A 185 2.50 7.35 23.46
C ASP A 185 3.48 8.39 22.89
N ALA A 186 4.53 7.92 22.19
CA ALA A 186 5.58 8.76 21.56
C ALA A 186 4.93 9.74 20.56
N ALA A 187 4.00 9.24 19.73
CA ALA A 187 3.29 10.02 18.69
C ALA A 187 2.42 11.10 19.34
N PHE A 188 1.60 10.71 20.33
CA PHE A 188 0.68 11.63 21.05
C PHE A 188 1.49 12.70 21.79
N ASN A 189 2.55 12.28 22.51
CA ASN A 189 3.41 13.17 23.34
C ASN A 189 4.01 14.28 22.48
N PHE A 190 4.48 13.96 21.26
CA PHE A 190 5.10 14.91 20.32
C PHE A 190 4.10 16.01 19.95
N GLY A 191 2.88 15.61 19.57
CA GLY A 191 1.78 16.52 19.20
C GLY A 191 1.38 17.41 20.37
N LEU A 192 1.34 16.85 21.58
CA LEU A 192 1.01 17.57 22.85
C LEU A 192 2.13 18.57 23.17
N ASP A 193 3.38 18.12 23.13
CA ASP A 193 4.59 18.96 23.39
C ASP A 193 4.64 20.11 22.38
N SER A 194 4.33 19.81 21.10
CA SER A 194 4.27 20.80 19.98
C SER A 194 3.18 21.84 20.26
N LEU A 195 1.98 21.37 20.64
CA LEU A 195 0.79 22.23 20.90
C LEU A 195 1.11 23.23 22.03
N ILE A 196 1.72 22.75 23.13
CA ILE A 196 2.06 23.56 24.33
C ILE A 196 3.23 24.50 24.00
N ALA A 197 4.23 24.01 23.27
CA ALA A 197 5.40 24.80 22.79
C ALA A 197 4.90 25.96 21.91
N GLY A 198 3.84 25.72 21.13
CA GLY A 198 3.18 26.72 20.28
C GLY A 198 2.48 27.79 21.10
N PHE A 199 1.72 27.38 22.12
CA PHE A 199 1.01 28.28 23.06
C PHE A 199 2.01 29.26 23.68
N GLU A 200 3.15 28.75 24.13
CA GLU A 200 4.24 29.53 24.79
C GLU A 200 4.63 30.74 23.92
N ARG A 201 4.61 30.57 22.60
CA ARG A 201 5.01 31.61 21.60
C ARG A 201 3.81 32.53 21.27
N LEU A 202 2.65 31.94 20.95
CA LEU A 202 1.50 32.64 20.34
C LEU A 202 0.55 33.23 21.39
N ARG A 203 0.80 32.99 22.69
CA ARG A 203 -0.08 33.49 23.79
C ARG A 203 0.02 35.02 23.89
N SER A 204 1.18 35.60 23.56
CA SER A 204 1.46 37.06 23.65
C SER A 204 1.86 37.62 22.26
N SER A 205 1.50 36.93 21.18
CA SER A 205 1.74 37.37 19.78
C SER A 205 0.71 38.45 19.40
N THR A 206 1.16 39.52 18.75
CA THR A 206 0.32 40.67 18.32
C THR A 206 -0.35 40.38 16.98
N THR A 207 0.09 39.32 16.28
CA THR A 207 -0.47 38.86 14.99
C THR A 207 -1.78 38.11 15.23
N ASP A 208 -2.72 38.19 14.29
CA ASP A 208 -4.01 37.45 14.30
C ASP A 208 -3.74 35.99 13.92
N HIS A 209 -4.00 35.06 14.86
CA HIS A 209 -3.74 33.60 14.71
C HIS A 209 -5.02 32.80 14.95
N HIS A 210 -6.19 33.41 14.75
CA HIS A 210 -7.52 32.75 14.91
C HIS A 210 -8.38 32.95 13.65
N HIS A 211 -7.74 33.21 12.50
CA HIS A 211 -8.40 33.42 11.18
C HIS A 211 -7.57 32.77 10.07
N HIS A 212 -8.07 32.79 8.83
CA HIS A 212 -7.36 32.41 7.58
C HIS A 212 -7.05 30.91 7.61
N LEU B 4 2.26 -14.80 -52.45
CA LEU B 4 2.66 -14.62 -51.02
C LEU B 4 1.58 -15.24 -50.12
N ASP B 5 1.96 -16.28 -49.35
CA ASP B 5 1.07 -17.03 -48.43
C ASP B 5 1.46 -16.73 -46.98
N LYS B 6 0.73 -17.31 -46.02
CA LYS B 6 0.90 -17.08 -44.55
C LYS B 6 2.28 -17.57 -44.11
N GLY B 7 2.64 -18.82 -44.46
CA GLY B 7 3.87 -19.50 -44.02
C GLY B 7 5.13 -18.81 -44.53
N THR B 8 5.11 -18.30 -45.76
CA THR B 8 6.26 -17.64 -46.45
C THR B 8 6.64 -16.35 -45.72
N VAL B 9 5.65 -15.58 -45.25
CA VAL B 9 5.85 -14.28 -44.54
C VAL B 9 6.45 -14.58 -43.16
N ILE B 10 5.95 -15.62 -42.47
CA ILE B 10 6.44 -16.09 -41.15
C ILE B 10 7.88 -16.59 -41.28
N ALA B 11 8.16 -17.39 -42.32
CA ALA B 11 9.48 -17.97 -42.63
C ALA B 11 10.50 -16.85 -42.89
N ALA B 12 10.08 -15.78 -43.58
CA ALA B 12 10.90 -14.60 -43.92
C ALA B 12 11.21 -13.79 -42.66
N ALA B 13 10.21 -13.60 -41.79
CA ALA B 13 10.29 -12.78 -40.56
C ALA B 13 11.21 -13.44 -39.52
N LEU B 14 11.15 -14.78 -39.40
CA LEU B 14 12.00 -15.57 -38.47
C LEU B 14 13.48 -15.40 -38.84
N GLU B 15 13.81 -15.52 -40.12
CA GLU B 15 15.17 -15.32 -40.68
C GLU B 15 15.64 -13.89 -40.34
N LEU B 16 14.76 -12.91 -40.55
CA LEU B 16 15.03 -11.46 -40.38
C LEU B 16 15.15 -11.11 -38.89
N LEU B 17 14.41 -11.82 -38.03
CA LEU B 17 14.42 -11.62 -36.56
C LEU B 17 15.82 -11.90 -35.99
N ASN B 18 16.47 -12.96 -36.47
CA ASN B 18 17.81 -13.42 -35.99
C ASN B 18 18.92 -12.53 -36.57
N GLU B 19 18.61 -11.68 -37.55
CA GLU B 19 19.58 -10.75 -38.20
C GLU B 19 19.61 -9.41 -37.47
N VAL B 20 18.45 -8.75 -37.34
CA VAL B 20 18.33 -7.33 -36.85
C VAL B 20 17.75 -7.29 -35.43
N GLY B 21 16.78 -8.16 -35.13
CA GLY B 21 16.11 -8.23 -33.81
C GLY B 21 14.65 -7.81 -33.89
N MET B 22 13.94 -7.82 -32.75
CA MET B 22 12.49 -7.51 -32.64
C MET B 22 12.25 -6.02 -32.96
N ASP B 23 13.03 -5.12 -32.34
CA ASP B 23 12.90 -3.65 -32.45
C ASP B 23 13.12 -3.20 -33.90
N SER B 24 14.14 -3.75 -34.57
CA SER B 24 14.59 -3.36 -35.93
C SER B 24 13.81 -4.11 -37.02
N LEU B 25 12.86 -4.98 -36.64
CA LEU B 25 12.00 -5.75 -37.57
C LEU B 25 10.83 -4.87 -38.02
N THR B 26 11.10 -3.87 -38.87
CA THR B 26 10.09 -2.95 -39.46
C THR B 26 9.45 -3.64 -40.67
N THR B 27 8.25 -3.19 -41.06
CA THR B 27 7.47 -3.71 -42.22
C THR B 27 8.23 -3.44 -43.53
N ARG B 28 9.03 -2.36 -43.55
CA ARG B 28 9.89 -1.97 -44.70
C ARG B 28 10.91 -3.09 -44.99
N LYS B 29 11.62 -3.55 -43.96
CA LYS B 29 12.67 -4.61 -44.05
C LYS B 29 12.04 -5.93 -44.49
N LEU B 30 10.90 -6.31 -43.90
CA LEU B 30 10.20 -7.59 -44.18
C LEU B 30 9.72 -7.61 -45.64
N ALA B 31 9.09 -6.52 -46.10
CA ALA B 31 8.61 -6.33 -47.49
C ALA B 31 9.79 -6.37 -48.46
N GLU B 32 10.85 -5.61 -48.16
CA GLU B 32 12.11 -5.53 -48.94
C GLU B 32 12.75 -6.92 -49.06
N ARG B 33 12.80 -7.66 -47.95
CA ARG B 33 13.36 -9.04 -47.88
C ARG B 33 12.56 -9.96 -48.81
N LEU B 34 11.23 -9.94 -48.71
CA LEU B 34 10.31 -10.80 -49.50
C LEU B 34 10.24 -10.33 -50.96
N LYS B 35 10.86 -9.19 -51.29
CA LYS B 35 10.91 -8.59 -52.65
C LYS B 35 9.48 -8.30 -53.12
N VAL B 36 8.69 -7.65 -52.24
CA VAL B 36 7.30 -7.18 -52.49
C VAL B 36 7.16 -5.80 -51.87
N GLN B 37 6.08 -5.08 -52.20
CA GLN B 37 5.73 -3.78 -51.57
C GLN B 37 4.93 -4.06 -50.28
N GLN B 38 4.80 -3.04 -49.42
CA GLN B 38 4.35 -3.18 -48.01
C GLN B 38 2.87 -3.57 -47.93
N PRO B 39 1.96 -2.98 -48.72
CA PRO B 39 0.53 -3.33 -48.66
C PRO B 39 0.22 -4.83 -48.78
N ALA B 40 1.06 -5.59 -49.46
CA ALA B 40 0.93 -7.06 -49.68
C ALA B 40 1.00 -7.80 -48.34
N LEU B 41 1.79 -7.29 -47.38
CA LEU B 41 1.99 -7.90 -46.04
C LEU B 41 0.73 -7.70 -45.18
N TYR B 42 -0.02 -6.61 -45.42
CA TYR B 42 -1.20 -6.20 -44.62
C TYR B 42 -2.39 -7.13 -44.88
N TRP B 43 -2.33 -7.96 -45.93
CA TRP B 43 -3.26 -9.10 -46.17
C TRP B 43 -3.20 -10.06 -45.00
N HIS B 44 -2.00 -10.42 -44.56
CA HIS B 44 -1.72 -11.53 -43.59
C HIS B 44 -1.84 -11.02 -42.16
N PHE B 45 -1.15 -9.93 -41.83
CA PHE B 45 -1.09 -9.32 -40.46
C PHE B 45 -1.35 -7.81 -40.56
N GLN B 46 -2.32 -7.31 -39.78
CA GLN B 46 -2.73 -5.89 -39.76
C GLN B 46 -1.70 -5.06 -38.98
N ASN B 47 -1.21 -5.58 -37.85
CA ASN B 47 -0.24 -4.90 -36.94
C ASN B 47 0.97 -5.81 -36.71
N LYS B 48 1.99 -5.31 -36.01
CA LYS B 48 3.25 -6.03 -35.71
C LYS B 48 2.98 -7.14 -34.69
N ARG B 49 2.16 -6.86 -33.67
CA ARG B 49 1.82 -7.80 -32.57
C ARG B 49 1.22 -9.09 -33.15
N ALA B 50 0.38 -8.96 -34.19
CA ALA B 50 -0.25 -10.08 -34.93
C ALA B 50 0.84 -10.97 -35.55
N LEU B 51 1.87 -10.34 -36.14
CA LEU B 51 3.05 -11.04 -36.74
C LEU B 51 3.86 -11.71 -35.62
N LEU B 52 4.15 -10.98 -34.54
CA LEU B 52 4.95 -11.48 -33.38
C LEU B 52 4.27 -12.69 -32.75
N ASP B 53 2.94 -12.70 -32.69
CA ASP B 53 2.12 -13.83 -32.17
C ASP B 53 2.29 -15.05 -33.09
N ALA B 54 2.34 -14.82 -34.42
CA ALA B 54 2.54 -15.86 -35.45
C ALA B 54 3.95 -16.44 -35.33
N LEU B 55 4.95 -15.58 -35.09
CA LEU B 55 6.37 -15.99 -34.90
C LEU B 55 6.49 -16.85 -33.64
N ALA B 56 5.88 -16.42 -32.54
CA ALA B 56 5.86 -17.12 -31.22
C ALA B 56 5.45 -18.58 -31.42
N GLU B 57 4.38 -18.82 -32.19
CA GLU B 57 3.86 -20.17 -32.53
C GLU B 57 4.86 -20.89 -33.44
N ALA B 58 5.40 -20.17 -34.45
CA ALA B 58 6.33 -20.70 -35.48
C ALA B 58 7.64 -21.17 -34.84
N MET B 59 8.16 -20.42 -33.85
CA MET B 59 9.40 -20.73 -33.11
C MET B 59 9.30 -22.12 -32.47
N LEU B 60 8.13 -22.44 -31.88
CA LEU B 60 7.87 -23.72 -31.17
C LEU B 60 7.74 -24.86 -32.20
N ALA B 61 6.93 -24.64 -33.24
CA ALA B 61 6.71 -25.61 -34.35
C ALA B 61 8.05 -26.05 -34.96
N GLU B 62 9.05 -25.16 -34.96
CA GLU B 62 10.36 -25.37 -35.61
C GLU B 62 11.35 -26.04 -34.64
N ARG B 63 11.39 -25.63 -33.36
CA ARG B 63 12.46 -26.01 -32.41
C ARG B 63 11.92 -26.71 -31.15
N HIS B 64 10.65 -26.52 -30.79
CA HIS B 64 10.01 -27.19 -29.61
C HIS B 64 9.62 -28.62 -30.01
N THR B 65 10.49 -29.59 -29.69
CA THR B 65 10.38 -31.02 -30.10
C THR B 65 9.54 -31.79 -29.09
N ARG B 66 9.79 -31.59 -27.79
CA ARG B 66 9.10 -32.31 -26.67
C ARG B 66 7.92 -31.46 -26.18
N SER B 67 6.85 -31.39 -26.98
CA SER B 67 5.58 -30.67 -26.67
C SER B 67 4.58 -31.63 -25.99
N LEU B 68 4.58 -32.91 -26.40
CA LEU B 68 3.62 -33.95 -25.92
C LEU B 68 4.37 -35.02 -25.14
N PRO B 69 3.75 -35.64 -24.12
CA PRO B 69 4.36 -36.76 -23.39
C PRO B 69 4.48 -38.02 -24.27
N GLU B 70 5.54 -38.81 -24.04
CA GLU B 70 5.80 -40.10 -24.73
C GLU B 70 5.14 -41.23 -23.94
N GLU B 71 5.07 -42.43 -24.54
CA GLU B 71 4.43 -43.64 -23.95
C GLU B 71 5.30 -44.15 -22.78
N ASN B 72 4.67 -44.35 -21.62
CA ASN B 72 5.31 -44.90 -20.39
C ASN B 72 6.37 -43.93 -19.87
N GLU B 73 6.17 -42.62 -20.06
CA GLU B 73 7.08 -41.54 -19.60
C GLU B 73 6.60 -41.06 -18.22
N ASP B 74 7.51 -40.97 -17.25
CA ASP B 74 7.25 -40.43 -15.88
C ASP B 74 6.93 -38.94 -16.03
N TRP B 75 5.88 -38.47 -15.33
CA TRP B 75 5.34 -37.09 -15.45
C TRP B 75 6.41 -36.06 -15.07
N ARG B 76 7.28 -36.39 -14.11
CA ARG B 76 8.45 -35.56 -13.69
C ARG B 76 9.43 -35.42 -14.86
N VAL B 77 9.74 -36.53 -15.55
CA VAL B 77 10.71 -36.58 -16.69
C VAL B 77 10.17 -35.72 -17.84
N PHE B 78 8.87 -35.84 -18.16
CA PHE B 78 8.20 -35.07 -19.23
C PHE B 78 8.34 -33.57 -18.96
N LEU B 79 7.97 -33.11 -17.77
CA LEU B 79 7.97 -31.68 -17.36
C LEU B 79 9.36 -31.09 -17.57
N LYS B 80 10.43 -31.80 -17.18
CA LYS B 80 11.84 -31.35 -17.32
C LYS B 80 12.22 -31.27 -18.80
N GLU B 81 11.99 -32.35 -19.55
CA GLU B 81 12.33 -32.46 -21.00
C GLU B 81 11.48 -31.47 -21.80
N ASN B 82 10.22 -31.26 -21.39
CA ASN B 82 9.29 -30.27 -22.00
C ASN B 82 9.83 -28.85 -21.77
N ALA B 83 10.24 -28.55 -20.53
CA ALA B 83 10.78 -27.24 -20.11
C ALA B 83 12.10 -26.95 -20.86
N LEU B 84 13.00 -27.95 -20.92
CA LEU B 84 14.31 -27.85 -21.62
C LEU B 84 14.10 -27.64 -23.12
N SER B 85 13.09 -28.30 -23.70
CA SER B 85 12.71 -28.20 -25.14
C SER B 85 12.14 -26.80 -25.44
N PHE B 86 11.24 -26.32 -24.57
CA PHE B 86 10.61 -24.97 -24.65
C PHE B 86 11.70 -23.89 -24.54
N ARG B 87 12.65 -24.09 -23.63
CA ARG B 87 13.82 -23.19 -23.40
C ARG B 87 14.66 -23.11 -24.67
N THR B 88 15.01 -24.26 -25.25
CA THR B 88 15.81 -24.40 -26.50
C THR B 88 15.16 -23.59 -27.62
N ALA B 89 13.84 -23.69 -27.76
CA ALA B 89 13.02 -23.02 -28.82
C ALA B 89 13.16 -21.50 -28.72
N LEU B 90 13.05 -20.95 -27.50
CA LEU B 90 13.11 -19.49 -27.23
C LEU B 90 14.54 -18.98 -27.44
N LEU B 91 15.55 -19.75 -27.02
CA LEU B 91 16.99 -19.39 -27.11
C LEU B 91 17.43 -19.33 -28.59
N SER B 92 16.70 -20.01 -29.49
CA SER B 92 17.07 -20.18 -30.92
C SER B 92 16.77 -18.91 -31.74
N TYR B 93 16.05 -17.93 -31.17
CA TYR B 93 15.64 -16.68 -31.87
C TYR B 93 15.91 -15.46 -30.98
N ARG B 94 16.34 -14.36 -31.60
CA ARG B 94 16.55 -13.04 -30.94
C ARG B 94 15.22 -12.55 -30.37
N ASP B 95 15.20 -12.14 -29.10
CA ASP B 95 13.99 -11.65 -28.37
C ASP B 95 12.94 -12.76 -28.31
N GLY B 96 13.37 -14.03 -28.23
CA GLY B 96 12.49 -15.21 -28.23
C GLY B 96 11.53 -15.21 -27.06
N ALA B 97 12.06 -15.01 -25.84
CA ALA B 97 11.29 -14.95 -24.58
C ALA B 97 10.38 -13.71 -24.58
N ARG B 98 10.93 -12.57 -25.01
CA ARG B 98 10.23 -11.25 -25.07
C ARG B 98 9.01 -11.34 -25.98
N ILE B 99 9.14 -12.01 -27.14
CA ILE B 99 8.07 -12.17 -28.16
C ILE B 99 6.98 -13.10 -27.61
N HIS B 100 7.36 -14.19 -26.96
CA HIS B 100 6.43 -15.20 -26.38
C HIS B 100 5.58 -14.58 -25.27
N ALA B 101 6.16 -13.68 -24.46
CA ALA B 101 5.52 -13.03 -23.29
C ALA B 101 4.17 -12.41 -23.71
N GLY B 102 3.09 -12.79 -23.02
CA GLY B 102 1.74 -12.24 -23.21
C GLY B 102 0.83 -13.16 -24.02
N THR B 103 1.41 -14.05 -24.84
CA THR B 103 0.68 -14.98 -25.74
C THR B 103 0.01 -16.07 -24.91
N ARG B 104 -1.17 -16.53 -25.34
CA ARG B 104 -1.96 -17.63 -24.71
C ARG B 104 -2.12 -18.77 -25.72
N PRO B 105 -2.44 -20.01 -25.27
CA PRO B 105 -2.64 -21.13 -26.20
C PRO B 105 -3.68 -20.84 -27.28
N THR B 106 -3.35 -21.13 -28.54
CA THR B 106 -4.21 -20.91 -29.74
C THR B 106 -5.22 -22.06 -29.85
N GLU B 107 -6.16 -21.96 -30.79
CA GLU B 107 -7.26 -22.94 -31.02
C GLU B 107 -6.69 -24.29 -31.46
N PRO B 108 -5.74 -24.33 -32.44
CA PRO B 108 -5.08 -25.58 -32.81
C PRO B 108 -4.17 -26.15 -31.70
N ASN B 109 -3.44 -25.27 -31.02
CA ASN B 109 -2.46 -25.63 -29.95
C ASN B 109 -3.20 -26.01 -28.66
N PHE B 110 -4.49 -25.68 -28.56
CA PHE B 110 -5.37 -25.97 -27.40
C PHE B 110 -5.20 -27.43 -26.95
N GLY B 111 -5.21 -28.36 -27.91
CA GLY B 111 -5.10 -29.82 -27.69
C GLY B 111 -3.83 -30.21 -26.96
N THR B 112 -2.71 -29.55 -27.26
CA THR B 112 -1.36 -29.81 -26.67
C THR B 112 -1.41 -29.56 -25.15
N ALA B 113 -1.91 -28.39 -24.74
CA ALA B 113 -2.10 -28.00 -23.32
C ALA B 113 -3.15 -28.90 -22.67
N GLU B 114 -4.17 -29.31 -23.44
CA GLU B 114 -5.28 -30.18 -22.97
C GLU B 114 -4.73 -31.57 -22.63
N THR B 115 -3.80 -32.09 -23.43
CA THR B 115 -3.12 -33.40 -23.24
C THR B 115 -2.25 -33.35 -21.98
N ALA B 116 -1.52 -32.24 -21.78
CA ALA B 116 -0.61 -32.01 -20.64
C ALA B 116 -1.41 -31.96 -19.33
N ILE B 117 -2.53 -31.22 -19.32
CA ILE B 117 -3.42 -31.03 -18.13
C ILE B 117 -4.00 -32.40 -17.73
N ARG B 118 -4.51 -33.17 -18.70
CA ARG B 118 -5.14 -34.50 -18.47
C ARG B 118 -4.08 -35.51 -18.00
N PHE B 119 -2.84 -35.37 -18.47
CA PHE B 119 -1.69 -36.26 -18.13
C PHE B 119 -1.31 -36.06 -16.65
N LEU B 120 -1.21 -34.80 -16.21
CA LEU B 120 -0.90 -34.43 -14.79
C LEU B 120 -2.07 -34.82 -13.89
N CYS B 121 -3.31 -34.55 -14.32
CA CYS B 121 -4.57 -34.86 -13.59
C CYS B 121 -4.61 -36.35 -13.22
N ALA B 122 -4.09 -37.23 -14.08
CA ALA B 122 -4.04 -38.70 -13.90
C ALA B 122 -2.97 -39.08 -12.85
N GLU B 123 -2.03 -38.17 -12.56
CA GLU B 123 -0.89 -38.42 -11.64
C GLU B 123 -1.07 -37.65 -10.32
N GLY B 124 -2.33 -37.50 -9.86
CA GLY B 124 -2.67 -37.02 -8.52
C GLY B 124 -2.83 -35.51 -8.41
N PHE B 125 -2.72 -34.78 -9.53
CA PHE B 125 -2.97 -33.31 -9.60
C PHE B 125 -4.48 -33.05 -9.63
N PRO B 127 -7.18 -30.26 -11.75
CA PRO B 127 -7.11 -29.48 -12.99
C PRO B 127 -6.54 -28.06 -12.84
N LYS B 128 -6.87 -27.38 -11.73
CA LYS B 128 -6.37 -26.01 -11.42
C LYS B 128 -4.85 -26.06 -11.17
N ARG B 129 -4.39 -27.01 -10.35
CA ARG B 129 -2.95 -27.18 -9.98
C ARG B 129 -2.16 -27.65 -11.21
N ALA B 130 -2.78 -28.45 -12.08
CA ALA B 130 -2.20 -28.89 -13.37
C ALA B 130 -1.95 -27.67 -14.27
N VAL B 131 -2.94 -26.76 -14.35
CA VAL B 131 -2.87 -25.49 -15.12
C VAL B 131 -1.75 -24.61 -14.54
N TRP B 132 -1.77 -24.38 -13.22
CA TRP B 132 -0.81 -23.50 -12.50
C TRP B 132 0.62 -24.00 -12.68
N ALA B 133 0.82 -25.33 -12.59
CA ALA B 133 2.13 -26.00 -12.73
C ALA B 133 2.72 -25.71 -14.12
N LEU B 134 1.94 -25.95 -15.19
CA LEU B 134 2.35 -25.78 -16.61
C LEU B 134 2.68 -24.31 -16.88
N ARG B 135 1.86 -23.38 -16.36
CA ARG B 135 2.04 -21.91 -16.51
C ARG B 135 3.29 -21.46 -15.74
N ALA B 136 3.49 -21.99 -14.53
CA ALA B 136 4.63 -21.68 -13.64
C ALA B 136 5.96 -22.07 -14.32
N VAL B 137 6.00 -23.24 -14.95
CA VAL B 137 7.20 -23.77 -15.68
C VAL B 137 7.49 -22.85 -16.88
N SER B 138 6.46 -22.47 -17.63
CA SER B 138 6.56 -21.59 -18.83
C SER B 138 7.13 -20.22 -18.41
N HIS B 139 6.63 -19.65 -17.31
CA HIS B 139 7.06 -18.35 -16.74
C HIS B 139 8.54 -18.42 -16.32
N TYR B 140 8.94 -19.53 -15.70
CA TYR B 140 10.33 -19.78 -15.23
C TYR B 140 11.29 -19.80 -16.42
N VAL B 141 10.91 -20.51 -17.49
CA VAL B 141 11.72 -20.66 -18.74
C VAL B 141 11.83 -19.29 -19.42
N VAL B 142 10.68 -18.64 -19.67
CA VAL B 142 10.59 -17.30 -20.31
C VAL B 142 11.48 -16.31 -19.54
N GLY B 143 11.38 -16.31 -18.21
CA GLY B 143 12.17 -15.44 -17.31
C GLY B 143 13.67 -15.69 -17.44
N SER B 144 14.08 -16.96 -17.39
CA SER B 144 15.50 -17.41 -17.48
C SER B 144 16.09 -17.03 -18.84
N VAL B 145 15.35 -17.27 -19.92
CA VAL B 145 15.79 -17.02 -21.33
C VAL B 145 15.89 -15.51 -21.56
N LEU B 146 14.90 -14.73 -21.08
CA LEU B 146 14.87 -13.25 -21.21
C LEU B 146 16.16 -12.65 -20.63
N GLU B 147 16.50 -13.03 -19.39
CA GLU B 147 17.69 -12.52 -18.65
C GLU B 147 18.97 -12.98 -19.34
N GLN B 148 18.99 -14.21 -19.87
CA GLN B 148 20.16 -14.80 -20.59
C GLN B 148 20.37 -14.04 -21.90
N GLN B 149 19.31 -13.86 -22.70
CA GLN B 149 19.34 -13.17 -24.01
C GLN B 149 19.68 -11.68 -23.82
N ALA B 150 19.13 -11.06 -22.77
CA ALA B 150 19.39 -9.64 -22.41
C ALA B 150 20.85 -9.46 -22.00
N SER B 151 21.37 -10.39 -21.18
CA SER B 151 22.77 -10.39 -20.68
C SER B 151 23.76 -10.56 -21.84
N ASP B 152 23.46 -11.47 -22.78
CA ASP B 152 24.29 -11.76 -23.98
C ASP B 152 24.32 -10.54 -24.90
N ALA B 153 23.18 -9.85 -25.05
CA ALA B 153 22.98 -8.71 -25.97
C ALA B 153 23.61 -7.43 -25.39
N ASP B 154 23.67 -7.30 -24.05
CA ASP B 154 24.10 -6.06 -23.34
C ASP B 154 25.42 -6.30 -22.58
N GLU B 155 26.13 -7.39 -22.88
CA GLU B 155 27.42 -7.78 -22.24
C GLU B 155 27.21 -7.92 -20.73
N LEU B 172 33.55 -16.34 -0.65
CA LEU B 172 32.26 -16.51 -1.39
C LEU B 172 32.37 -15.92 -2.81
N HIS B 173 33.34 -15.03 -3.05
CA HIS B 173 33.64 -14.42 -4.38
C HIS B 173 34.45 -15.40 -5.24
N ASP B 174 35.22 -16.29 -4.60
CA ASP B 174 35.98 -17.40 -5.26
C ASP B 174 34.97 -18.37 -5.92
N LEU B 175 33.81 -18.55 -5.29
CA LEU B 175 32.71 -19.45 -5.74
C LEU B 175 32.16 -18.99 -7.10
N PHE B 176 32.14 -17.67 -7.34
CA PHE B 176 31.40 -17.01 -8.45
C PHE B 176 32.12 -17.24 -9.78
N HIS B 177 33.46 -17.14 -9.78
CA HIS B 177 34.33 -17.40 -10.97
C HIS B 177 34.16 -18.86 -11.42
N GLU B 178 34.00 -19.78 -10.46
CA GLU B 178 33.78 -21.23 -10.71
C GLU B 178 32.39 -21.44 -11.32
N LEU B 179 31.37 -20.76 -10.78
CA LEU B 179 29.97 -20.78 -11.32
C LEU B 179 29.93 -19.97 -12.62
N MET B 184 24.41 -20.28 -17.90
CA MET B 184 23.31 -20.28 -16.89
C MET B 184 22.56 -21.62 -16.93
N ASP B 185 23.25 -22.70 -17.31
CA ASP B 185 22.65 -24.06 -17.48
C ASP B 185 22.48 -24.72 -16.11
N ALA B 186 23.50 -24.64 -15.25
CA ALA B 186 23.53 -25.21 -13.89
C ALA B 186 22.46 -24.54 -13.01
N ALA B 187 22.37 -23.21 -13.07
CA ALA B 187 21.39 -22.38 -12.32
C ALA B 187 19.97 -22.71 -12.77
N PHE B 188 19.76 -22.88 -14.08
CA PHE B 188 18.46 -23.21 -14.70
C PHE B 188 18.01 -24.61 -14.26
N ASN B 189 18.91 -25.59 -14.38
CA ASN B 189 18.64 -27.03 -14.09
C ASN B 189 18.18 -27.18 -12.64
N PHE B 190 18.85 -26.52 -11.69
CA PHE B 190 18.54 -26.58 -10.23
C PHE B 190 17.12 -26.05 -9.98
N GLY B 191 16.81 -24.86 -10.51
CA GLY B 191 15.49 -24.21 -10.37
C GLY B 191 14.39 -25.05 -10.98
N LEU B 192 14.65 -25.70 -12.12
CA LEU B 192 13.70 -26.59 -12.83
C LEU B 192 13.47 -27.86 -11.99
N ASP B 193 14.54 -28.48 -11.49
CA ASP B 193 14.50 -29.69 -10.62
C ASP B 193 13.70 -29.36 -9.34
N SER B 194 13.99 -28.22 -8.72
CA SER B 194 13.30 -27.70 -7.50
C SER B 194 11.80 -27.52 -7.79
N LEU B 195 11.47 -26.90 -8.92
CA LEU B 195 10.08 -26.58 -9.33
C LEU B 195 9.27 -27.88 -9.51
N ILE B 196 9.89 -28.91 -10.11
CA ILE B 196 9.26 -30.25 -10.36
C ILE B 196 9.17 -31.02 -9.04
N ALA B 197 10.24 -30.99 -8.23
CA ALA B 197 10.31 -31.60 -6.88
C ALA B 197 9.24 -30.96 -5.97
N GLY B 198 9.00 -29.66 -6.15
CA GLY B 198 7.94 -28.91 -5.45
C GLY B 198 6.55 -29.39 -5.82
N PHE B 199 6.29 -29.57 -7.12
CA PHE B 199 5.01 -30.10 -7.66
C PHE B 199 4.74 -31.49 -7.07
N GLU B 200 5.78 -32.31 -6.93
CA GLU B 200 5.70 -33.70 -6.41
C GLU B 200 5.11 -33.69 -4.99
N ARG B 201 5.46 -32.68 -4.18
CA ARG B 201 5.04 -32.57 -2.75
C ARG B 201 3.70 -31.86 -2.63
N LEU B 202 3.45 -30.83 -3.45
CA LEU B 202 2.28 -29.91 -3.31
C LEU B 202 1.07 -30.39 -4.13
N ARG B 203 1.24 -31.40 -5.00
CA ARG B 203 0.16 -31.88 -5.91
C ARG B 203 -0.98 -32.50 -5.09
N SER B 204 -0.66 -33.20 -3.99
CA SER B 204 -1.63 -33.90 -3.10
CA SER B 204 -1.63 -33.90 -3.10
C SER B 204 -1.71 -33.19 -1.75
N SER B 205 -1.35 -31.90 -1.70
CA SER B 205 -1.37 -31.05 -0.48
C SER B 205 -2.82 -30.63 -0.18
N THR B 206 -3.21 -30.70 1.09
CA THR B 206 -4.54 -30.25 1.60
C THR B 206 -4.52 -28.74 1.86
N THR B 207 -3.32 -28.14 1.92
CA THR B 207 -3.08 -26.71 2.23
C THR B 207 -3.31 -25.86 0.98
N ASP B 208 -3.71 -24.59 1.17
CA ASP B 208 -3.88 -23.56 0.11
C ASP B 208 -2.48 -23.07 -0.31
N HIS B 209 -2.16 -23.16 -1.60
CA HIS B 209 -0.83 -22.80 -2.17
C HIS B 209 -0.99 -21.91 -3.41
N HIS B 210 -2.11 -21.19 -3.55
CA HIS B 210 -2.35 -20.24 -4.67
C HIS B 210 -2.85 -18.88 -4.14
N HIS B 211 -2.45 -18.53 -2.91
CA HIS B 211 -2.73 -17.23 -2.25
C HIS B 211 -1.50 -16.80 -1.42
N HIS B 212 -1.38 -15.49 -1.16
CA HIS B 212 -0.39 -14.91 -0.23
C HIS B 212 -1.06 -14.68 1.14
N HIS B 213 -0.45 -15.17 2.21
CA HIS B 213 -0.97 -15.12 3.60
C HIS B 213 -0.02 -14.30 4.49
N LYS C 3 -23.63 -2.54 -15.17
CA LYS C 3 -24.44 -1.27 -15.21
C LYS C 3 -24.07 -0.40 -14.00
N LEU C 4 -24.36 -0.87 -12.79
CA LEU C 4 -24.10 -0.15 -11.52
C LEU C 4 -22.60 -0.19 -11.21
N ASP C 5 -21.90 0.94 -11.38
CA ASP C 5 -20.44 1.08 -11.14
C ASP C 5 -20.21 1.61 -9.72
N LYS C 6 -18.98 1.46 -9.21
CA LYS C 6 -18.56 1.83 -7.83
C LYS C 6 -18.75 3.34 -7.61
N GLY C 7 -18.49 4.16 -8.64
CA GLY C 7 -18.63 5.62 -8.60
C GLY C 7 -20.05 6.06 -8.31
N THR C 8 -21.03 5.44 -8.96
CA THR C 8 -22.49 5.71 -8.81
C THR C 8 -22.94 5.37 -7.39
N VAL C 9 -22.48 4.25 -6.84
CA VAL C 9 -22.83 3.74 -5.48
C VAL C 9 -22.35 4.76 -4.43
N ILE C 10 -21.08 5.16 -4.51
CA ILE C 10 -20.42 6.13 -3.60
C ILE C 10 -21.17 7.48 -3.65
N ALA C 11 -21.48 7.95 -4.86
CA ALA C 11 -22.20 9.22 -5.11
C ALA C 11 -23.56 9.20 -4.39
N ALA C 12 -24.32 8.11 -4.54
CA ALA C 12 -25.65 7.89 -3.93
C ALA C 12 -25.52 7.76 -2.41
N ALA C 13 -24.44 7.14 -1.93
CA ALA C 13 -24.17 6.86 -0.49
C ALA C 13 -23.85 8.17 0.26
N LEU C 14 -23.04 9.05 -0.35
CA LEU C 14 -22.66 10.37 0.22
C LEU C 14 -23.91 11.26 0.35
N GLU C 15 -24.78 11.25 -0.66
CA GLU C 15 -26.07 11.98 -0.67
C GLU C 15 -26.96 11.46 0.46
N LEU C 16 -27.08 10.12 0.57
CA LEU C 16 -27.91 9.43 1.59
C LEU C 16 -27.34 9.67 2.99
N LEU C 17 -26.01 9.67 3.12
CA LEU C 17 -25.26 9.91 4.39
C LEU C 17 -25.65 11.28 4.96
N ASN C 18 -25.70 12.30 4.11
CA ASN C 18 -26.01 13.71 4.49
C ASN C 18 -27.45 13.82 5.01
N GLU C 19 -28.35 12.92 4.57
CA GLU C 19 -29.79 12.92 4.94
C GLU C 19 -30.00 12.21 6.29
N VAL C 20 -29.47 10.98 6.44
CA VAL C 20 -29.80 10.05 7.55
C VAL C 20 -28.67 10.00 8.59
N GLY C 21 -27.41 10.16 8.15
CA GLY C 21 -26.22 10.03 9.02
C GLY C 21 -25.63 8.64 8.95
N MET C 22 -24.44 8.43 9.51
CA MET C 22 -23.67 7.15 9.38
C MET C 22 -24.33 6.04 10.20
N ASP C 23 -25.02 6.39 11.30
CA ASP C 23 -25.70 5.43 12.21
C ASP C 23 -26.90 4.79 11.48
N SER C 24 -27.68 5.59 10.76
CA SER C 24 -28.94 5.20 10.09
C SER C 24 -28.69 4.69 8.66
N LEU C 25 -27.48 4.92 8.12
CA LEU C 25 -27.08 4.44 6.77
C LEU C 25 -26.95 2.92 6.79
N THR C 26 -27.81 2.22 6.03
CA THR C 26 -27.86 0.74 5.93
C THR C 26 -27.80 0.32 4.45
N THR C 27 -27.56 -0.98 4.22
CA THR C 27 -27.50 -1.61 2.87
C THR C 27 -28.85 -1.47 2.16
N ARG C 28 -29.95 -1.70 2.89
CA ARG C 28 -31.34 -1.68 2.35
C ARG C 28 -31.68 -0.27 1.84
N LYS C 29 -31.38 0.76 2.64
CA LYS C 29 -31.67 2.19 2.32
C LYS C 29 -30.93 2.60 1.04
N LEU C 30 -29.63 2.29 0.95
CA LEU C 30 -28.76 2.64 -0.21
C LEU C 30 -29.22 1.86 -1.45
N ALA C 31 -29.59 0.59 -1.29
CA ALA C 31 -30.11 -0.29 -2.36
C ALA C 31 -31.44 0.27 -2.88
N GLU C 32 -32.33 0.69 -1.98
CA GLU C 32 -33.66 1.29 -2.29
C GLU C 32 -33.46 2.62 -3.02
N ARG C 33 -32.48 3.43 -2.59
CA ARG C 33 -32.14 4.75 -3.19
C ARG C 33 -31.63 4.55 -4.62
N LEU C 34 -30.81 3.51 -4.84
CA LEU C 34 -30.21 3.18 -6.16
C LEU C 34 -31.21 2.40 -7.03
N LYS C 35 -32.32 1.95 -6.44
CA LYS C 35 -33.39 1.14 -7.12
C LYS C 35 -32.76 -0.14 -7.69
N VAL C 36 -31.99 -0.84 -6.85
CA VAL C 36 -31.37 -2.17 -7.15
C VAL C 36 -31.62 -3.09 -5.95
N GLN C 37 -31.49 -4.41 -6.16
CA GLN C 37 -31.56 -5.42 -5.07
C GLN C 37 -30.23 -5.38 -4.30
N GLN C 38 -30.24 -5.86 -3.05
CA GLN C 38 -29.11 -5.74 -2.09
C GLN C 38 -27.86 -6.46 -2.61
N PRO C 39 -27.96 -7.66 -3.24
CA PRO C 39 -26.79 -8.36 -3.75
C PRO C 39 -25.92 -7.54 -4.72
N ALA C 40 -26.54 -6.71 -5.55
CA ALA C 40 -25.87 -5.80 -6.52
C ALA C 40 -24.99 -4.80 -5.75
N LEU C 41 -25.43 -4.38 -4.56
CA LEU C 41 -24.70 -3.43 -3.68
C LEU C 41 -23.66 -4.19 -2.85
N TYR C 42 -24.01 -5.40 -2.37
CA TYR C 42 -23.13 -6.29 -1.57
C TYR C 42 -21.87 -6.66 -2.39
N TRP C 43 -22.04 -6.81 -3.71
CA TRP C 43 -20.95 -7.09 -4.69
C TRP C 43 -19.81 -6.08 -4.50
N HIS C 44 -20.15 -4.80 -4.30
CA HIS C 44 -19.19 -3.68 -4.13
C HIS C 44 -18.66 -3.63 -2.70
N PHE C 45 -19.56 -3.69 -1.70
CA PHE C 45 -19.25 -3.54 -0.26
C PHE C 45 -19.93 -4.66 0.55
N GLN C 46 -19.13 -5.56 1.13
CA GLN C 46 -19.57 -6.79 1.82
C GLN C 46 -20.08 -6.47 3.23
N ASN C 47 -19.70 -5.30 3.78
CA ASN C 47 -20.12 -4.83 5.13
C ASN C 47 -20.19 -3.30 5.15
N LYS C 48 -20.78 -2.73 6.21
CA LYS C 48 -20.97 -1.27 6.39
C LYS C 48 -19.61 -0.57 6.48
N ARG C 49 -18.66 -1.16 7.21
CA ARG C 49 -17.30 -0.59 7.44
C ARG C 49 -16.57 -0.42 6.10
N ALA C 50 -16.73 -1.37 5.17
CA ALA C 50 -16.14 -1.34 3.81
C ALA C 50 -16.68 -0.14 3.03
N LEU C 51 -17.99 0.13 3.14
CA LEU C 51 -18.67 1.29 2.50
C LEU C 51 -18.14 2.59 3.12
N LEU C 52 -18.11 2.69 4.45
CA LEU C 52 -17.66 3.89 5.21
C LEU C 52 -16.21 4.23 4.86
N ASP C 53 -15.36 3.20 4.68
CA ASP C 53 -13.94 3.34 4.27
C ASP C 53 -13.88 3.97 2.88
N ALA C 54 -14.76 3.55 1.97
CA ALA C 54 -14.86 4.05 0.57
C ALA C 54 -15.37 5.49 0.57
N LEU C 55 -16.30 5.82 1.46
CA LEU C 55 -16.84 7.19 1.64
C LEU C 55 -15.74 8.10 2.19
N ALA C 56 -15.02 7.65 3.22
CA ALA C 56 -13.88 8.36 3.85
C ALA C 56 -12.87 8.77 2.77
N GLU C 57 -12.54 7.84 1.86
CA GLU C 57 -11.62 8.07 0.71
C GLU C 57 -12.25 9.07 -0.27
N ALA C 58 -13.53 8.87 -0.60
CA ALA C 58 -14.30 9.68 -1.57
C ALA C 58 -14.37 11.14 -1.12
N MET C 59 -14.66 11.38 0.17
CA MET C 59 -14.78 12.73 0.78
C MET C 59 -13.52 13.55 0.48
N LEU C 60 -12.34 12.95 0.67
CA LEU C 60 -11.02 13.62 0.47
C LEU C 60 -10.76 13.82 -1.02
N ALA C 61 -11.03 12.79 -1.84
CA ALA C 61 -10.85 12.80 -3.31
C ALA C 61 -11.66 13.95 -3.94
N GLU C 62 -12.81 14.29 -3.35
CA GLU C 62 -13.77 15.30 -3.87
C GLU C 62 -13.44 16.71 -3.36
N ARG C 63 -13.14 16.84 -2.06
N ARG C 63 -13.17 16.84 -2.06
CA ARG C 63 -13.10 18.14 -1.33
CA ARG C 63 -13.10 18.14 -1.33
C ARG C 63 -11.67 18.50 -0.93
C ARG C 63 -11.66 18.50 -0.96
N HIS C 64 -10.88 17.54 -0.45
CA HIS C 64 -9.49 17.77 0.04
C HIS C 64 -8.58 18.16 -1.15
N THR C 65 -8.48 19.47 -1.42
CA THR C 65 -7.76 20.07 -2.57
C THR C 65 -6.26 20.14 -2.29
N ARG C 66 -5.87 20.51 -1.06
CA ARG C 66 -4.45 20.75 -0.66
C ARG C 66 -3.88 19.50 0.02
N SER C 67 -3.76 18.40 -0.73
CA SER C 67 -3.13 17.13 -0.29
C SER C 67 -1.61 17.23 -0.41
N LEU C 68 -1.12 17.87 -1.48
CA LEU C 68 0.32 17.96 -1.84
C LEU C 68 0.82 19.40 -1.69
N PRO C 69 2.10 19.61 -1.30
CA PRO C 69 2.69 20.95 -1.30
C PRO C 69 2.80 21.55 -2.70
N GLU C 70 2.58 22.87 -2.82
CA GLU C 70 2.69 23.64 -4.09
C GLU C 70 4.11 24.17 -4.25
N GLU C 71 4.46 24.65 -5.45
CA GLU C 71 5.80 25.16 -5.82
C GLU C 71 6.08 26.47 -5.07
N ASN C 72 7.24 26.56 -4.41
CA ASN C 72 7.71 27.73 -3.61
C ASN C 72 6.69 28.03 -2.49
N GLU C 73 6.16 26.98 -1.85
CA GLU C 73 5.25 27.08 -0.69
C GLU C 73 6.06 26.76 0.58
N ASP C 74 6.05 27.67 1.56
CA ASP C 74 6.65 27.47 2.91
C ASP C 74 5.92 26.30 3.59
N TRP C 75 6.67 25.44 4.29
CA TRP C 75 6.16 24.17 4.89
C TRP C 75 5.11 24.47 5.97
N ARG C 76 5.21 25.62 6.64
CA ARG C 76 4.25 26.09 7.67
C ARG C 76 2.92 26.45 7.00
N VAL C 77 2.99 27.15 5.87
CA VAL C 77 1.80 27.57 5.05
C VAL C 77 1.10 26.31 4.53
N PHE C 78 1.87 25.33 4.05
CA PHE C 78 1.36 24.04 3.50
C PHE C 78 0.56 23.30 4.57
N LEU C 79 1.13 23.09 5.76
CA LEU C 79 0.50 22.34 6.88
C LEU C 79 -0.81 23.02 7.30
N LYS C 80 -0.83 24.36 7.31
CA LYS C 80 -2.03 25.17 7.68
C LYS C 80 -3.11 24.94 6.62
N GLU C 81 -2.77 25.13 5.33
CA GLU C 81 -3.69 24.97 4.17
C GLU C 81 -4.12 23.52 4.06
N ASN C 82 -3.20 22.57 4.26
CA ASN C 82 -3.46 21.10 4.24
C ASN C 82 -4.46 20.75 5.34
N ALA C 83 -4.26 21.28 6.56
CA ALA C 83 -5.13 21.06 7.74
C ALA C 83 -6.52 21.65 7.48
N LEU C 84 -6.58 22.89 6.97
CA LEU C 84 -7.85 23.60 6.64
C LEU C 84 -8.62 22.84 5.56
N SER C 85 -7.92 22.39 4.51
CA SER C 85 -8.48 21.62 3.37
C SER C 85 -9.05 20.29 3.87
N PHE C 86 -8.31 19.60 4.73
CA PHE C 86 -8.70 18.30 5.37
C PHE C 86 -9.94 18.52 6.25
N ARG C 87 -9.94 19.58 7.06
CA ARG C 87 -11.05 19.97 7.97
C ARG C 87 -12.33 20.21 7.15
N THR C 88 -12.23 21.01 6.09
CA THR C 88 -13.33 21.38 5.16
C THR C 88 -13.96 20.10 4.58
N ALA C 89 -13.12 19.12 4.21
CA ALA C 89 -13.53 17.83 3.59
C ALA C 89 -14.37 17.01 4.57
N LEU C 90 -13.98 16.98 5.85
CA LEU C 90 -14.69 16.22 6.92
C LEU C 90 -16.02 16.94 7.26
N LEU C 91 -16.02 18.27 7.27
CA LEU C 91 -17.22 19.11 7.60
C LEU C 91 -18.23 19.09 6.44
N SER C 92 -17.79 18.75 5.23
CA SER C 92 -18.60 18.78 3.98
C SER C 92 -19.68 17.69 4.01
N TYR C 93 -19.49 16.62 4.79
CA TYR C 93 -20.42 15.46 4.89
C TYR C 93 -20.75 15.18 6.37
N ARG C 94 -21.97 14.69 6.61
CA ARG C 94 -22.50 14.36 7.96
C ARG C 94 -21.67 13.21 8.55
N ASP C 95 -21.20 13.38 9.80
CA ASP C 95 -20.41 12.38 10.57
C ASP C 95 -19.10 12.08 9.84
N GLY C 96 -18.52 13.08 9.17
CA GLY C 96 -17.29 12.95 8.36
C GLY C 96 -16.09 12.54 9.20
N ALA C 97 -15.92 13.17 10.37
CA ALA C 97 -14.81 12.92 11.31
C ALA C 97 -14.91 11.51 11.90
N ARG C 98 -16.11 11.09 12.31
CA ARG C 98 -16.37 9.77 12.94
C ARG C 98 -16.21 8.64 11.91
N ILE C 99 -16.54 8.92 10.64
CA ILE C 99 -16.35 7.96 9.50
C ILE C 99 -14.85 7.80 9.22
N HIS C 100 -14.08 8.89 9.31
CA HIS C 100 -12.61 8.91 9.05
C HIS C 100 -11.86 8.19 10.18
N ALA C 101 -12.34 8.29 11.41
CA ALA C 101 -11.69 7.75 12.64
C ALA C 101 -11.36 6.27 12.45
N GLY C 102 -10.10 5.89 12.64
CA GLY C 102 -9.63 4.49 12.63
C GLY C 102 -9.08 4.07 11.26
N THR C 103 -9.45 4.76 10.19
CA THR C 103 -9.03 4.46 8.79
C THR C 103 -7.51 4.64 8.67
N ARG C 104 -6.86 3.77 7.90
CA ARG C 104 -5.42 3.89 7.55
C ARG C 104 -5.32 4.36 6.10
N PRO C 105 -4.25 5.11 5.73
CA PRO C 105 -4.10 5.62 4.37
C PRO C 105 -4.19 4.53 3.29
N THR C 106 -4.85 4.83 2.17
CA THR C 106 -4.89 4.00 0.94
C THR C 106 -3.52 4.09 0.25
N GLU C 107 -3.31 3.32 -0.82
CA GLU C 107 -2.01 3.27 -1.56
C GLU C 107 -1.68 4.67 -2.11
N PRO C 108 -2.64 5.40 -2.72
CA PRO C 108 -2.40 6.79 -3.11
C PRO C 108 -2.07 7.72 -1.93
N ASN C 109 -2.78 7.58 -0.80
CA ASN C 109 -2.62 8.40 0.42
C ASN C 109 -1.21 8.19 1.00
N PHE C 110 -0.67 6.97 0.91
CA PHE C 110 0.72 6.62 1.31
C PHE C 110 1.70 7.39 0.43
N GLY C 111 1.41 7.50 -0.87
CA GLY C 111 2.20 8.27 -1.84
C GLY C 111 2.24 9.75 -1.49
N THR C 112 1.08 10.35 -1.19
CA THR C 112 0.92 11.77 -0.81
C THR C 112 1.53 11.99 0.58
N ALA C 113 1.40 11.02 1.48
CA ALA C 113 1.97 11.03 2.84
C ALA C 113 3.50 11.06 2.77
N GLU C 114 4.09 10.22 1.91
CA GLU C 114 5.56 10.12 1.71
C GLU C 114 6.09 11.46 1.18
N THR C 115 5.39 12.06 0.21
CA THR C 115 5.70 13.39 -0.38
C THR C 115 5.72 14.46 0.72
N ALA C 116 4.74 14.41 1.62
CA ALA C 116 4.61 15.33 2.79
C ALA C 116 5.78 15.10 3.76
N ILE C 117 6.06 13.84 4.10
CA ILE C 117 7.15 13.42 5.02
C ILE C 117 8.49 13.92 4.47
N ARG C 118 8.78 13.64 3.19
CA ARG C 118 10.07 14.00 2.54
C ARG C 118 10.22 15.52 2.44
N PHE C 119 9.11 16.23 2.18
CA PHE C 119 9.06 17.72 2.10
C PHE C 119 9.46 18.32 3.45
N LEU C 120 8.94 17.76 4.54
CA LEU C 120 9.26 18.18 5.94
C LEU C 120 10.71 17.82 6.26
N CYS C 121 11.15 16.61 5.90
CA CYS C 121 12.53 16.10 6.11
C CYS C 121 13.56 17.06 5.48
N ALA C 122 13.22 17.61 4.30
CA ALA C 122 14.06 18.57 3.54
C ALA C 122 14.12 19.91 4.28
N GLU C 123 13.11 20.23 5.09
CA GLU C 123 12.99 21.51 5.85
C GLU C 123 13.48 21.35 7.29
N GLY C 124 14.21 20.26 7.59
CA GLY C 124 14.98 20.10 8.84
C GLY C 124 14.37 19.08 9.80
N PHE C 125 13.16 18.58 9.52
CA PHE C 125 12.49 17.53 10.32
C PHE C 125 13.27 16.21 10.22
N CYS C 126 13.26 15.41 11.29
CA CYS C 126 13.75 14.01 11.28
CA CYS C 126 13.75 14.01 11.28
C CYS C 126 12.58 13.09 10.88
N PRO C 127 12.82 12.04 10.06
CA PRO C 127 11.73 11.19 9.57
C PRO C 127 10.61 10.87 10.57
N LYS C 128 10.97 10.57 11.83
CA LYS C 128 10.01 10.17 12.90
C LYS C 128 9.11 11.36 13.28
N ARG C 129 9.70 12.55 13.46
CA ARG C 129 9.00 13.78 13.93
C ARG C 129 8.15 14.36 12.80
N ALA C 130 8.48 14.07 11.53
CA ALA C 130 7.68 14.42 10.34
C ALA C 130 6.37 13.62 10.36
N VAL C 131 6.46 12.30 10.59
CA VAL C 131 5.31 11.36 10.67
C VAL C 131 4.39 11.80 11.82
N TRP C 132 4.97 12.04 13.00
CA TRP C 132 4.22 12.42 14.24
C TRP C 132 3.50 13.76 14.03
N ALA C 133 4.16 14.72 13.38
CA ALA C 133 3.61 16.07 13.06
C ALA C 133 2.35 15.93 12.19
N LEU C 134 2.44 15.14 11.12
CA LEU C 134 1.33 14.92 10.14
C LEU C 134 0.18 14.17 10.82
N ARG C 135 0.49 13.16 11.64
CA ARG C 135 -0.50 12.37 12.42
C ARG C 135 -1.19 13.28 13.45
N ALA C 136 -0.42 14.09 14.16
CA ALA C 136 -0.88 15.02 15.22
C ALA C 136 -1.89 16.02 14.64
N VAL C 137 -1.61 16.55 13.44
CA VAL C 137 -2.47 17.54 12.72
C VAL C 137 -3.80 16.85 12.36
N SER C 138 -3.74 15.65 11.76
CA SER C 138 -4.91 14.85 11.32
C SER C 138 -5.81 14.55 12.54
N HIS C 139 -5.22 14.12 13.66
CA HIS C 139 -5.93 13.81 14.92
C HIS C 139 -6.62 15.07 15.46
N TYR C 140 -5.90 16.20 15.48
CA TYR C 140 -6.39 17.52 15.95
C TYR C 140 -7.63 17.93 15.14
N VAL C 141 -7.55 17.80 13.81
CA VAL C 141 -8.65 18.17 12.86
C VAL C 141 -9.86 17.26 13.12
N VAL C 142 -9.64 15.94 13.13
CA VAL C 142 -10.69 14.90 13.36
C VAL C 142 -11.41 15.21 14.68
N GLY C 143 -10.66 15.46 15.75
CA GLY C 143 -11.19 15.77 17.10
C GLY C 143 -11.99 17.06 17.11
N SER C 144 -11.51 18.09 16.41
CA SER C 144 -12.16 19.43 16.32
CA SER C 144 -12.16 19.43 16.31
C SER C 144 -13.48 19.31 15.54
N VAL C 145 -13.46 18.60 14.41
CA VAL C 145 -14.63 18.42 13.50
C VAL C 145 -15.68 17.54 14.19
N LEU C 146 -15.26 16.47 14.87
CA LEU C 146 -16.15 15.56 15.65
C LEU C 146 -16.95 16.40 16.66
N GLU C 147 -16.25 17.22 17.44
CA GLU C 147 -16.84 18.11 18.49
C GLU C 147 -17.86 19.06 17.86
N GLN C 148 -17.54 19.62 16.69
CA GLN C 148 -18.43 20.55 15.93
C GLN C 148 -19.66 19.78 15.43
N GLN C 149 -19.44 18.60 14.82
CA GLN C 149 -20.50 17.76 14.22
C GLN C 149 -21.37 17.13 15.32
N ALA C 150 -20.79 16.86 16.49
CA ALA C 150 -21.49 16.27 17.67
C ALA C 150 -22.46 17.30 18.27
N SER C 151 -21.99 18.53 18.50
CA SER C 151 -22.76 19.66 19.08
C SER C 151 -23.87 20.10 18.13
N ASP C 152 -23.60 20.09 16.82
CA ASP C 152 -24.56 20.45 15.75
C ASP C 152 -25.68 19.40 15.69
N ALA C 153 -25.34 18.12 15.87
CA ALA C 153 -26.27 16.97 15.83
C ALA C 153 -27.28 17.06 16.98
N ASP C 154 -26.86 17.57 18.14
CA ASP C 154 -27.69 17.70 19.37
C ASP C 154 -28.52 18.98 19.29
N GLU C 155 -27.96 20.11 19.74
CA GLU C 155 -28.63 21.44 19.77
C GLU C 155 -27.65 22.50 20.31
N GLU C 180 -21.33 28.26 19.89
CA GLU C 180 -20.75 29.37 19.11
C GLU C 180 -19.77 28.80 18.07
N THR C 181 -20.15 28.84 16.78
CA THR C 181 -19.36 28.31 15.64
C THR C 181 -18.18 29.26 15.36
N ASP C 182 -18.36 30.56 15.63
CA ASP C 182 -17.29 31.59 15.59
C ASP C 182 -16.17 31.18 16.56
N GLY C 183 -16.54 30.64 17.72
CA GLY C 183 -15.61 30.16 18.77
C GLY C 183 -14.82 28.95 18.31
N MET C 184 -15.50 27.98 17.68
CA MET C 184 -14.88 26.74 17.11
C MET C 184 -13.87 27.11 16.03
N ASP C 185 -14.25 28.00 15.12
CA ASP C 185 -13.39 28.49 14.00
C ASP C 185 -12.13 29.16 14.57
N ALA C 186 -12.30 30.05 15.55
CA ALA C 186 -11.22 30.80 16.22
C ALA C 186 -10.34 29.83 17.04
N ALA C 187 -10.97 28.90 17.75
CA ALA C 187 -10.29 27.87 18.59
C ALA C 187 -9.45 26.95 17.69
N PHE C 188 -9.99 26.50 16.57
CA PHE C 188 -9.33 25.58 15.60
C PHE C 188 -8.07 26.26 15.03
N ASN C 189 -8.22 27.49 14.53
CA ASN C 189 -7.14 28.27 13.87
C ASN C 189 -5.99 28.50 14.86
N PHE C 190 -6.30 28.84 16.11
CA PHE C 190 -5.32 29.12 17.19
C PHE C 190 -4.54 27.84 17.54
N GLY C 191 -5.24 26.72 17.69
CA GLY C 191 -4.64 25.40 18.00
C GLY C 191 -3.77 24.90 16.85
N LEU C 192 -4.21 25.12 15.60
CA LEU C 192 -3.47 24.72 14.37
C LEU C 192 -2.19 25.54 14.25
N ASP C 193 -2.28 26.86 14.42
CA ASP C 193 -1.12 27.80 14.38
C ASP C 193 -0.14 27.46 15.50
N SER C 194 -0.66 27.19 16.71
CA SER C 194 0.13 26.74 17.89
C SER C 194 0.86 25.43 17.57
N LEU C 195 0.12 24.46 17.01
CA LEU C 195 0.65 23.11 16.64
C LEU C 195 1.84 23.28 15.67
N ILE C 196 1.69 24.15 14.66
CA ILE C 196 2.72 24.43 13.62
C ILE C 196 3.88 25.22 14.24
N ALA C 197 3.57 26.23 15.06
CA ALA C 197 4.56 27.06 15.79
C ALA C 197 5.43 26.16 16.69
N GLY C 198 4.83 25.10 17.26
CA GLY C 198 5.51 24.09 18.09
C GLY C 198 6.44 23.21 17.26
N PHE C 199 5.98 22.77 16.08
CA PHE C 199 6.76 21.92 15.14
C PHE C 199 8.09 22.60 14.80
N GLU C 200 8.06 23.92 14.56
CA GLU C 200 9.25 24.76 14.24
C GLU C 200 10.38 24.47 15.25
N ARG C 201 10.05 24.43 16.54
CA ARG C 201 11.03 24.27 17.65
C ARG C 201 11.43 22.81 17.81
N LEU C 202 10.48 21.87 17.64
CA LEU C 202 10.64 20.43 17.97
C LEU C 202 10.78 19.58 16.70
N ARG C 203 11.13 20.18 15.55
CA ARG C 203 11.24 19.46 14.25
C ARG C 203 12.39 18.44 14.34
N SER C 204 13.49 18.81 15.01
CA SER C 204 14.69 17.96 15.24
C SER C 204 15.23 18.19 16.65
N SER C 205 15.85 17.17 17.25
CA SER C 205 16.44 17.19 18.61
C SER C 205 17.76 17.97 18.60
N LYS D 3 22.39 22.96 -10.36
CA LYS D 3 23.21 21.72 -10.45
C LYS D 3 22.28 20.50 -10.55
N LEU D 4 22.74 19.44 -11.21
CA LEU D 4 21.99 18.17 -11.44
C LEU D 4 22.71 17.02 -10.73
N ASP D 5 22.02 16.36 -9.79
CA ASP D 5 22.52 15.17 -9.05
C ASP D 5 21.86 13.92 -9.63
N LYS D 6 22.46 12.75 -9.38
CA LYS D 6 22.01 11.42 -9.91
C LYS D 6 20.59 11.11 -9.43
N GLY D 7 20.24 11.53 -8.21
CA GLY D 7 18.93 11.30 -7.58
C GLY D 7 17.80 11.97 -8.34
N THR D 8 17.99 13.24 -8.74
CA THR D 8 16.99 14.07 -9.46
C THR D 8 16.70 13.47 -10.84
N VAL D 9 17.73 12.97 -11.53
CA VAL D 9 17.64 12.36 -12.89
C VAL D 9 16.81 11.07 -12.80
N ILE D 10 17.16 10.19 -11.86
CA ILE D 10 16.50 8.87 -11.63
C ILE D 10 15.02 9.10 -11.31
N ALA D 11 14.71 10.10 -10.48
CA ALA D 11 13.33 10.47 -10.06
C ALA D 11 12.48 10.82 -11.28
N ALA D 12 12.98 11.72 -12.13
CA ALA D 12 12.31 12.22 -13.36
C ALA D 12 12.19 11.09 -14.39
N ALA D 13 13.22 10.22 -14.47
CA ALA D 13 13.31 9.09 -15.42
C ALA D 13 12.20 8.06 -15.11
N LEU D 14 12.04 7.69 -13.84
CA LEU D 14 11.01 6.73 -13.36
C LEU D 14 9.61 7.29 -13.64
N GLU D 15 9.41 8.60 -13.41
CA GLU D 15 8.14 9.31 -13.67
C GLU D 15 7.83 9.28 -15.18
N LEU D 16 8.85 9.58 -16.01
CA LEU D 16 8.76 9.61 -17.48
C LEU D 16 8.52 8.19 -18.02
N LEU D 17 9.15 7.17 -17.41
CA LEU D 17 9.03 5.75 -17.79
C LEU D 17 7.57 5.30 -17.73
N ASN D 18 6.86 5.66 -16.65
CA ASN D 18 5.44 5.27 -16.39
C ASN D 18 4.52 5.89 -17.44
N GLU D 19 4.87 7.05 -17.99
CA GLU D 19 4.06 7.81 -18.97
C GLU D 19 4.17 7.16 -20.37
N VAL D 20 5.40 6.91 -20.83
CA VAL D 20 5.71 6.54 -22.25
C VAL D 20 6.12 5.06 -22.37
N GLY D 21 6.92 4.55 -21.42
CA GLY D 21 7.51 3.19 -21.47
C GLY D 21 8.98 3.24 -21.85
N MET D 22 9.69 2.13 -21.71
CA MET D 22 11.18 2.07 -21.86
C MET D 22 11.57 2.23 -23.34
N ASP D 23 10.72 1.80 -24.27
CA ASP D 23 10.94 1.91 -25.74
C ASP D 23 10.96 3.38 -26.15
N SER D 24 9.98 4.15 -25.70
CA SER D 24 9.74 5.58 -26.07
C SER D 24 10.56 6.53 -25.18
N LEU D 25 11.08 6.02 -24.05
CA LEU D 25 11.96 6.79 -23.12
C LEU D 25 13.32 7.02 -23.79
N THR D 26 13.74 8.29 -23.90
CA THR D 26 14.99 8.71 -24.60
C THR D 26 15.72 9.78 -23.77
N THR D 27 16.96 10.11 -24.17
CA THR D 27 17.84 11.14 -23.54
C THR D 27 17.19 12.52 -23.68
N ARG D 28 16.62 12.81 -24.85
CA ARG D 28 16.03 14.14 -25.20
C ARG D 28 14.84 14.43 -24.27
N LYS D 29 13.87 13.50 -24.21
CA LYS D 29 12.63 13.61 -23.39
C LYS D 29 12.99 13.81 -21.92
N LEU D 30 13.98 13.08 -21.42
CA LEU D 30 14.46 13.13 -20.01
C LEU D 30 15.14 14.48 -19.75
N ALA D 31 15.97 14.95 -20.68
CA ALA D 31 16.68 16.26 -20.64
C ALA D 31 15.66 17.40 -20.65
N GLU D 32 14.59 17.26 -21.44
CA GLU D 32 13.48 18.24 -21.55
C GLU D 32 12.69 18.30 -20.25
N ARG D 33 12.46 17.14 -19.61
CA ARG D 33 11.70 17.01 -18.34
C ARG D 33 12.47 17.69 -17.19
N LEU D 34 13.81 17.60 -17.22
CA LEU D 34 14.70 18.14 -16.16
C LEU D 34 15.05 19.61 -16.44
N LYS D 35 14.71 20.13 -17.62
CA LYS D 35 15.02 21.51 -18.09
C LYS D 35 16.55 21.72 -18.09
N VAL D 36 17.28 20.78 -18.70
CA VAL D 36 18.77 20.81 -18.84
C VAL D 36 19.13 20.42 -20.27
N GLN D 37 20.33 20.79 -20.72
CA GLN D 37 20.93 20.31 -21.99
C GLN D 37 21.43 18.88 -21.78
N GLN D 38 21.52 18.09 -22.85
CA GLN D 38 21.78 16.63 -22.83
C GLN D 38 23.14 16.32 -22.23
N PRO D 39 24.21 17.11 -22.50
CA PRO D 39 25.52 16.87 -21.88
C PRO D 39 25.48 16.70 -20.35
N ALA D 40 24.69 17.53 -19.65
CA ALA D 40 24.47 17.47 -18.19
C ALA D 40 23.91 16.10 -17.80
N LEU D 41 22.98 15.58 -18.61
CA LEU D 41 22.34 14.24 -18.44
C LEU D 41 23.32 13.14 -18.86
N TYR D 42 24.07 13.37 -19.95
CA TYR D 42 25.07 12.42 -20.51
C TYR D 42 26.21 12.21 -19.49
N TRP D 43 26.56 13.26 -18.74
CA TRP D 43 27.61 13.24 -17.69
C TRP D 43 27.33 12.12 -16.68
N HIS D 44 26.05 11.88 -16.37
CA HIS D 44 25.57 10.84 -15.42
C HIS D 44 25.48 9.48 -16.13
N PHE D 45 24.81 9.43 -17.29
CA PHE D 45 24.53 8.18 -18.06
C PHE D 45 24.97 8.36 -19.52
N GLN D 46 26.04 7.65 -19.90
CA GLN D 46 26.72 7.77 -21.22
C GLN D 46 25.89 7.07 -22.31
N ASN D 47 25.09 6.06 -21.95
CA ASN D 47 24.19 5.32 -22.88
C ASN D 47 22.86 5.04 -22.18
N LYS D 48 21.86 4.56 -22.94
CA LYS D 48 20.49 4.27 -22.45
C LYS D 48 20.51 3.08 -21.48
N ARG D 49 21.32 2.06 -21.79
CA ARG D 49 21.45 0.81 -20.98
C ARG D 49 21.95 1.17 -19.56
N ALA D 50 22.83 2.16 -19.45
CA ALA D 50 23.40 2.66 -18.17
C ALA D 50 22.29 3.30 -17.32
N LEU D 51 21.41 4.08 -17.95
CA LEU D 51 20.22 4.70 -17.29
C LEU D 51 19.28 3.59 -16.80
N LEU D 52 19.00 2.61 -17.65
CA LEU D 52 18.05 1.49 -17.38
C LEU D 52 18.57 0.64 -16.20
N ASP D 53 19.89 0.47 -16.11
CA ASP D 53 20.57 -0.23 -14.99
C ASP D 53 20.34 0.54 -13.69
N ALA D 54 20.38 1.87 -13.74
CA ALA D 54 20.16 2.78 -12.59
C ALA D 54 18.69 2.74 -12.16
N LEU D 55 17.76 2.71 -13.13
CA LEU D 55 16.30 2.60 -12.89
C LEU D 55 16.00 1.24 -12.25
N ALA D 56 16.53 0.15 -12.83
CA ALA D 56 16.43 -1.24 -12.33
C ALA D 56 16.81 -1.28 -10.84
N GLU D 57 17.90 -0.61 -10.47
CA GLU D 57 18.40 -0.50 -9.08
C GLU D 57 17.44 0.38 -8.25
N ALA D 58 17.01 1.51 -8.82
CA ALA D 58 16.14 2.53 -8.18
C ALA D 58 14.77 1.91 -7.83
N MET D 59 14.22 1.09 -8.73
CA MET D 59 12.90 0.41 -8.55
C MET D 59 12.91 -0.42 -7.26
N LEU D 60 14.00 -1.15 -7.01
CA LEU D 60 14.14 -2.07 -5.85
C LEU D 60 14.42 -1.24 -4.59
N ALA D 61 15.36 -0.29 -4.67
CA ALA D 61 15.72 0.66 -3.58
C ALA D 61 14.46 1.38 -3.08
N GLU D 62 13.48 1.61 -3.97
CA GLU D 62 12.25 2.41 -3.70
C GLU D 62 11.12 1.50 -3.19
N ARG D 63 10.81 0.41 -3.91
CA ARG D 63 9.54 -0.36 -3.75
C ARG D 63 9.79 -1.79 -3.24
N HIS D 64 11.04 -2.27 -3.20
CA HIS D 64 11.40 -3.62 -2.70
C HIS D 64 11.60 -3.56 -1.17
N THR D 65 10.54 -3.85 -0.41
CA THR D 65 10.45 -3.66 1.06
C THR D 65 11.17 -4.80 1.78
N ARG D 66 11.03 -6.04 1.30
CA ARG D 66 11.60 -7.27 1.92
C ARG D 66 12.82 -7.72 1.13
N SER D 67 13.95 -7.02 1.29
CA SER D 67 15.26 -7.34 0.68
C SER D 67 16.11 -8.17 1.62
N LEU D 68 16.04 -7.89 2.93
CA LEU D 68 16.85 -8.54 4.00
C LEU D 68 15.97 -9.45 4.85
N PRO D 69 16.49 -10.59 5.35
CA PRO D 69 15.76 -11.42 6.31
C PRO D 69 15.55 -10.71 7.65
N GLU D 70 14.38 -10.91 8.27
CA GLU D 70 14.00 -10.33 9.58
C GLU D 70 14.48 -11.27 10.71
N GLU D 71 14.53 -10.76 11.94
CA GLU D 71 14.97 -11.49 13.15
C GLU D 71 14.04 -12.69 13.39
N ASN D 72 14.61 -13.90 13.39
CA ASN D 72 13.92 -15.17 13.72
C ASN D 72 12.86 -15.48 12.65
N GLU D 73 13.10 -15.06 11.40
CA GLU D 73 12.21 -15.34 10.24
C GLU D 73 12.62 -16.69 9.63
N ASP D 74 11.66 -17.59 9.42
CA ASP D 74 11.85 -18.89 8.73
C ASP D 74 12.33 -18.60 7.30
N TRP D 75 13.35 -19.33 6.83
CA TRP D 75 14.03 -19.07 5.53
C TRP D 75 13.05 -19.27 4.37
N ARG D 76 12.09 -20.19 4.52
CA ARG D 76 11.03 -20.47 3.50
C ARG D 76 10.08 -19.28 3.43
N VAL D 77 9.77 -18.67 4.57
CA VAL D 77 8.88 -17.47 4.68
C VAL D 77 9.60 -16.27 4.06
N PHE D 78 10.90 -16.10 4.31
CA PHE D 78 11.73 -15.00 3.77
C PHE D 78 11.71 -15.04 2.23
N LEU D 79 12.02 -16.20 1.64
CA LEU D 79 12.07 -16.40 0.17
C LEU D 79 10.70 -16.07 -0.45
N LYS D 80 9.61 -16.45 0.22
CA LYS D 80 8.21 -16.15 -0.20
C LYS D 80 8.00 -14.64 -0.21
N GLU D 81 8.18 -13.99 0.95
CA GLU D 81 7.96 -12.53 1.16
C GLU D 81 8.92 -11.74 0.25
N ASN D 82 10.17 -12.20 0.11
CA ASN D 82 11.23 -11.58 -0.74
C ASN D 82 10.79 -11.62 -2.21
N ALA D 83 10.33 -12.79 -2.68
CA ALA D 83 9.87 -13.02 -4.07
C ALA D 83 8.64 -12.15 -4.37
N LEU D 84 7.67 -12.10 -3.45
CA LEU D 84 6.42 -11.30 -3.59
C LEU D 84 6.76 -9.80 -3.60
N SER D 85 7.70 -9.38 -2.75
CA SER D 85 8.19 -7.98 -2.65
C SER D 85 8.88 -7.57 -3.96
N PHE D 86 9.74 -8.45 -4.49
CA PHE D 86 10.47 -8.27 -5.77
C PHE D 86 9.48 -8.14 -6.91
N ARG D 87 8.45 -8.99 -6.93
CA ARG D 87 7.37 -9.02 -7.95
C ARG D 87 6.63 -7.67 -7.98
N THR D 88 6.17 -7.21 -6.80
CA THR D 88 5.40 -5.94 -6.62
C THR D 88 6.26 -4.76 -7.10
N ALA D 89 7.55 -4.76 -6.77
CA ALA D 89 8.53 -3.70 -7.14
C ALA D 89 8.64 -3.58 -8.66
N LEU D 90 8.67 -4.71 -9.37
CA LEU D 90 8.77 -4.76 -10.86
C LEU D 90 7.42 -4.38 -11.48
N LEU D 91 6.31 -4.78 -10.87
CA LEU D 91 4.93 -4.49 -11.35
C LEU D 91 4.58 -3.01 -11.13
N SER D 92 5.26 -2.34 -10.19
CA SER D 92 5.01 -0.92 -9.80
C SER D 92 5.32 0.02 -10.97
N TYR D 93 6.31 -0.31 -11.81
CA TYR D 93 6.81 0.54 -12.93
C TYR D 93 6.55 -0.16 -14.28
N ARG D 94 6.42 0.65 -15.33
CA ARG D 94 6.12 0.19 -16.72
C ARG D 94 7.38 -0.49 -17.30
N ASP D 95 7.22 -1.71 -17.80
CA ASP D 95 8.29 -2.54 -18.41
C ASP D 95 9.38 -2.84 -17.36
N GLY D 96 8.96 -3.07 -16.11
CA GLY D 96 9.87 -3.32 -14.97
C GLY D 96 10.69 -4.58 -15.14
N ALA D 97 10.04 -5.68 -15.54
CA ALA D 97 10.66 -7.01 -15.76
C ALA D 97 11.71 -6.93 -16.87
N ARG D 98 11.36 -6.28 -17.99
CA ARG D 98 12.24 -6.10 -19.18
C ARG D 98 13.48 -5.28 -18.78
N ILE D 99 13.29 -4.16 -18.07
CA ILE D 99 14.37 -3.24 -17.61
C ILE D 99 15.34 -4.01 -16.72
N HIS D 100 14.83 -4.88 -15.85
CA HIS D 100 15.63 -5.69 -14.88
C HIS D 100 16.43 -6.77 -15.63
N ALA D 101 15.88 -7.34 -16.70
CA ALA D 101 16.43 -8.49 -17.45
C ALA D 101 17.88 -8.21 -17.86
N GLY D 102 18.82 -9.06 -17.43
CA GLY D 102 20.24 -9.05 -17.85
C GLY D 102 21.14 -8.35 -16.84
N THR D 103 20.58 -7.62 -15.88
CA THR D 103 21.32 -6.85 -14.84
C THR D 103 21.87 -7.83 -13.79
N ARG D 104 23.06 -7.54 -13.25
CA ARG D 104 23.72 -8.32 -12.17
C ARG D 104 24.06 -7.37 -11.02
N PRO D 105 24.01 -7.84 -9.76
CA PRO D 105 24.33 -6.98 -8.61
C PRO D 105 25.83 -6.66 -8.52
N THR D 106 26.20 -5.41 -8.77
CA THR D 106 27.59 -4.89 -8.67
C THR D 106 27.98 -4.81 -7.19
N GLU D 107 29.26 -4.53 -6.91
CA GLU D 107 29.85 -4.57 -5.54
C GLU D 107 29.13 -3.59 -4.61
N PRO D 108 28.78 -2.36 -5.05
CA PRO D 108 28.02 -1.42 -4.23
C PRO D 108 26.89 -2.05 -3.39
N ASN D 109 25.95 -2.75 -4.03
CA ASN D 109 24.76 -3.39 -3.38
C ASN D 109 24.85 -4.91 -3.53
N PHE D 110 26.02 -5.49 -3.21
CA PHE D 110 26.27 -6.95 -3.25
C PHE D 110 25.91 -7.59 -1.89
N GLY D 111 25.97 -6.79 -0.82
CA GLY D 111 25.69 -7.22 0.57
C GLY D 111 24.34 -7.93 0.69
N THR D 112 23.33 -7.46 -0.04
CA THR D 112 21.94 -8.01 -0.03
C THR D 112 21.96 -9.49 -0.40
N ALA D 113 22.55 -9.83 -1.56
CA ALA D 113 22.69 -11.21 -2.08
C ALA D 113 23.58 -12.03 -1.15
N GLU D 114 24.69 -11.43 -0.69
CA GLU D 114 25.68 -12.04 0.23
C GLU D 114 25.00 -12.45 1.54
N THR D 115 24.17 -11.56 2.10
CA THR D 115 23.39 -11.77 3.35
C THR D 115 22.43 -12.96 3.16
N ALA D 116 21.75 -13.01 2.01
CA ALA D 116 20.76 -14.06 1.63
C ALA D 116 21.47 -15.42 1.50
N ILE D 117 22.64 -15.46 0.87
CA ILE D 117 23.45 -16.70 0.64
C ILE D 117 23.86 -17.27 2.01
N ARG D 118 24.46 -16.44 2.87
CA ARG D 118 24.90 -16.82 4.24
C ARG D 118 23.70 -17.30 5.06
N PHE D 119 22.56 -16.60 4.94
CA PHE D 119 21.29 -16.90 5.65
C PHE D 119 20.81 -18.30 5.26
N LEU D 120 20.81 -18.62 3.96
CA LEU D 120 20.40 -19.95 3.43
C LEU D 120 21.44 -21.01 3.82
N CYS D 121 22.73 -20.70 3.66
CA CYS D 121 23.87 -21.60 3.98
C CYS D 121 23.79 -22.08 5.43
N ALA D 122 23.35 -21.22 6.35
CA ALA D 122 23.16 -21.50 7.80
C ALA D 122 21.99 -22.47 8.00
N GLU D 123 21.05 -22.53 7.05
CA GLU D 123 19.79 -23.32 7.13
C GLU D 123 19.89 -24.58 6.26
N GLY D 124 21.11 -25.09 6.02
CA GLY D 124 21.35 -26.43 5.46
C GLY D 124 21.83 -26.41 4.01
N PHE D 125 21.65 -25.28 3.30
CA PHE D 125 22.06 -25.11 1.88
C PHE D 125 23.59 -25.23 1.75
N CYS D 126 24.06 -25.78 0.63
CA CYS D 126 25.47 -25.70 0.18
C CYS D 126 25.63 -24.44 -0.66
N PRO D 127 26.77 -23.71 -0.55
CA PRO D 127 26.92 -22.38 -1.15
C PRO D 127 26.41 -22.23 -2.60
N LYS D 128 26.70 -23.21 -3.46
CA LYS D 128 26.36 -23.17 -4.92
C LYS D 128 24.84 -23.20 -5.11
N ARG D 129 24.14 -24.04 -4.35
CA ARG D 129 22.66 -24.26 -4.48
C ARG D 129 21.91 -23.09 -3.85
N ALA D 130 22.51 -22.39 -2.88
CA ALA D 130 21.98 -21.14 -2.28
C ALA D 130 21.98 -20.03 -3.33
N VAL D 131 23.07 -19.93 -4.11
CA VAL D 131 23.21 -18.96 -5.25
C VAL D 131 22.17 -19.31 -6.32
N TRP D 132 22.11 -20.58 -6.73
CA TRP D 132 21.19 -21.09 -7.79
C TRP D 132 19.73 -20.89 -7.36
N ALA D 133 19.43 -21.07 -6.08
CA ALA D 133 18.07 -20.89 -5.49
C ALA D 133 17.64 -19.43 -5.67
N LEU D 134 18.46 -18.48 -5.20
CA LEU D 134 18.19 -17.01 -5.25
C LEU D 134 18.05 -16.54 -6.70
N ARG D 135 18.88 -17.09 -7.61
CA ARG D 135 18.85 -16.76 -9.06
C ARG D 135 17.57 -17.31 -9.69
N ALA D 136 17.21 -18.56 -9.39
CA ALA D 136 16.02 -19.27 -9.93
C ALA D 136 14.75 -18.48 -9.56
N VAL D 137 14.64 -18.02 -8.32
CA VAL D 137 13.48 -17.23 -7.80
C VAL D 137 13.38 -15.93 -8.60
N SER D 138 14.49 -15.20 -8.74
CA SER D 138 14.57 -13.91 -9.47
C SER D 138 14.10 -14.10 -10.92
N HIS D 139 14.61 -15.13 -11.60
CA HIS D 139 14.26 -15.50 -13.00
C HIS D 139 12.75 -15.81 -13.08
N TYR D 140 12.22 -16.57 -12.12
CA TYR D 140 10.79 -16.97 -12.04
C TYR D 140 9.89 -15.73 -11.93
N VAL D 141 10.27 -14.78 -11.06
CA VAL D 141 9.50 -13.52 -10.81
C VAL D 141 9.53 -12.66 -12.07
N VAL D 142 10.73 -12.42 -12.64
CA VAL D 142 10.95 -11.60 -13.86
C VAL D 142 10.08 -12.17 -15.00
N GLY D 143 10.08 -13.49 -15.16
CA GLY D 143 9.28 -14.20 -16.18
C GLY D 143 7.79 -14.00 -15.98
N SER D 144 7.30 -14.13 -14.74
CA SER D 144 5.89 -13.98 -14.35
C SER D 144 5.40 -12.55 -14.61
N VAL D 145 6.21 -11.55 -14.22
CA VAL D 145 5.88 -10.10 -14.33
C VAL D 145 5.90 -9.68 -15.81
N LEU D 146 6.89 -10.15 -16.58
CA LEU D 146 7.03 -9.90 -18.03
C LEU D 146 5.73 -10.30 -18.74
N GLU D 147 5.26 -11.52 -18.49
CA GLU D 147 4.02 -12.11 -19.09
C GLU D 147 2.81 -11.25 -18.73
N GLN D 148 2.70 -10.83 -17.46
CA GLN D 148 1.59 -10.01 -16.92
C GLN D 148 1.63 -8.60 -17.55
N GLN D 149 2.82 -8.00 -17.66
CA GLN D 149 3.03 -6.63 -18.18
C GLN D 149 2.85 -6.62 -19.71
N ALA D 150 3.26 -7.70 -20.39
CA ALA D 150 3.10 -7.89 -21.85
C ALA D 150 1.61 -7.97 -22.21
N SER D 151 0.80 -8.62 -21.36
CA SER D 151 -0.66 -8.75 -21.50
C SER D 151 -1.34 -7.40 -21.33
N ASP D 152 -0.88 -6.59 -20.37
CA ASP D 152 -1.45 -5.26 -20.02
C ASP D 152 -1.16 -4.25 -21.14
N ALA D 153 -0.03 -4.41 -21.84
CA ALA D 153 0.41 -3.54 -22.96
C ALA D 153 -0.68 -3.51 -24.04
N ASP D 154 -1.16 -4.69 -24.45
CA ASP D 154 -2.28 -4.87 -25.42
C ASP D 154 -2.76 -6.33 -25.36
N GLU D 180 -8.64 -13.42 -14.79
CA GLU D 180 -7.84 -12.36 -15.45
C GLU D 180 -6.48 -12.25 -14.74
N THR D 181 -6.37 -11.37 -13.75
CA THR D 181 -5.15 -11.15 -12.92
C THR D 181 -5.05 -12.25 -11.86
N ASP D 182 -6.19 -12.68 -11.31
CA ASP D 182 -6.30 -13.72 -10.25
C ASP D 182 -5.70 -15.04 -10.75
N GLY D 183 -5.93 -15.37 -12.02
CA GLY D 183 -5.36 -16.55 -12.70
C GLY D 183 -3.83 -16.51 -12.70
N MET D 184 -3.26 -15.31 -12.88
CA MET D 184 -1.80 -15.07 -12.88
C MET D 184 -1.28 -15.09 -11.44
N ASP D 185 -2.01 -14.46 -10.51
CA ASP D 185 -1.70 -14.43 -9.05
C ASP D 185 -1.67 -15.87 -8.51
N ALA D 186 -2.67 -16.69 -8.88
CA ALA D 186 -2.82 -18.10 -8.47
C ALA D 186 -1.63 -18.93 -8.99
N ALA D 187 -1.32 -18.78 -10.28
CA ALA D 187 -0.24 -19.49 -11.00
C ALA D 187 1.13 -19.12 -10.40
N PHE D 188 1.33 -17.83 -10.09
CA PHE D 188 2.59 -17.30 -9.49
C PHE D 188 2.82 -17.92 -8.12
N ASN D 189 1.81 -17.86 -7.25
CA ASN D 189 1.88 -18.31 -5.83
C ASN D 189 2.18 -19.81 -5.78
N PHE D 190 1.53 -20.61 -6.63
CA PHE D 190 1.70 -22.09 -6.70
C PHE D 190 3.12 -22.44 -7.14
N GLY D 191 3.63 -21.76 -8.18
CA GLY D 191 5.00 -21.95 -8.70
C GLY D 191 6.05 -21.52 -7.69
N LEU D 192 5.79 -20.44 -6.95
CA LEU D 192 6.69 -19.91 -5.88
C LEU D 192 6.74 -20.91 -4.72
N ASP D 193 5.57 -21.36 -4.24
CA ASP D 193 5.44 -22.36 -3.15
C ASP D 193 6.12 -23.66 -3.56
N SER D 194 6.01 -24.05 -4.84
CA SER D 194 6.65 -25.25 -5.44
C SER D 194 8.17 -25.11 -5.40
N LEU D 195 8.70 -23.98 -5.91
CA LEU D 195 10.16 -23.67 -5.92
C LEU D 195 10.75 -23.91 -4.52
N ILE D 196 10.13 -23.32 -3.49
CA ILE D 196 10.64 -23.33 -2.09
C ILE D 196 10.43 -24.72 -1.48
N ALA D 197 9.30 -25.38 -1.78
CA ALA D 197 9.02 -26.78 -1.39
C ALA D 197 10.08 -27.71 -2.01
N GLY D 198 10.57 -27.37 -3.20
CA GLY D 198 11.64 -28.10 -3.91
C GLY D 198 13.01 -27.80 -3.33
N PHE D 199 13.26 -26.55 -2.94
CA PHE D 199 14.54 -26.08 -2.33
C PHE D 199 14.81 -26.86 -1.04
N GLU D 200 13.75 -27.10 -0.24
CA GLU D 200 13.81 -27.94 1.00
C GLU D 200 14.46 -29.29 0.68
N ARG D 201 13.94 -29.97 -0.34
CA ARG D 201 14.39 -31.32 -0.79
C ARG D 201 15.84 -31.25 -1.30
N LEU D 202 16.17 -30.25 -2.12
CA LEU D 202 17.41 -30.20 -2.94
C LEU D 202 18.38 -29.14 -2.41
N ARG D 203 18.26 -28.71 -1.15
CA ARG D 203 19.11 -27.62 -0.57
C ARG D 203 20.59 -28.04 -0.63
N SER D 204 20.87 -29.33 -0.45
CA SER D 204 22.23 -29.94 -0.57
C SER D 204 22.12 -31.37 -1.12
N SER D 205 23.26 -31.98 -1.47
CA SER D 205 23.36 -33.36 -2.00
C SER D 205 23.46 -34.36 -0.84
#